data_3H39
#
_entry.id   3H39
#
_cell.length_a   186.085
_cell.length_b   64.070
_cell.length_c   151.772
_cell.angle_alpha   90.00
_cell.angle_beta   100.88
_cell.angle_gamma   90.00
#
_symmetry.space_group_name_H-M   'C 1 2 1'
#
loop_
_entity.id
_entity.type
_entity.pdbx_description
1 polymer 'TRNA nucleotidyl transferase-related protein'
2 non-polymer "ADENOSINE-5'-TRIPHOSPHATE"
3 water water
#
_entity_poly.entity_id   1
_entity_poly.type   'polypeptide(L)'
_entity_poly.pdbx_seq_one_letter_code
;MQIFRDVSKLLVERVDPKILNLFRLLGKFGDEVNMPVYVVGGFVRDLLLGIKNLDIDIVVEGNALEFAEYAKRFLPGKLV
KHDKFMTASLFLKGGLRIDIATARLEYYESPAKLPDVEMSTIKKDLYRRDFTINAMAIKLNPKDFGLLIDFFGGYRDLKE
GVIRVLHTLSFVDDPTRILRAIRFEQRFDFRIEETTERLLKQAVEEGYLERTTGPRLRQELEKILEEKNPLKSIRRMAQF
DVIKHLFPKTYYTPSMDEKMENLFRNIPWVEENFGEVDRFYAVLHVFLEFYDDESWKEVRDRYSLRRNLINEIRHVEKSA
PALLEMLSERVPASFVYPLVKGVSNETICHFLAYLSGEKEGLFKSYLLKIKNTKLEKINGEYLIRKGITSGKIIGEVLEK
ILMKKLDGDTRDEEEILEEVLASLETEGKLAAALEHHHHHH
;
_entity_poly.pdbx_strand_id   A,B
#
# COMPACT_ATOMS: atom_id res chain seq x y z
N MET A 1 -31.57 -18.78 -24.16
CA MET A 1 -30.15 -18.88 -24.42
C MET A 1 -29.40 -19.24 -23.15
N GLN A 2 -28.12 -19.53 -23.28
CA GLN A 2 -27.27 -19.67 -22.12
C GLN A 2 -27.43 -18.43 -21.25
N ILE A 3 -27.87 -18.64 -20.01
CA ILE A 3 -28.06 -17.57 -19.06
C ILE A 3 -26.91 -17.41 -18.10
N PHE A 4 -26.21 -18.49 -17.82
CA PHE A 4 -25.07 -18.43 -16.91
C PHE A 4 -23.75 -18.78 -17.60
N ARG A 5 -22.68 -18.08 -17.23
CA ARG A 5 -21.40 -18.30 -17.89
C ARG A 5 -20.25 -18.08 -16.92
N ASP A 6 -19.15 -18.76 -17.12
CA ASP A 6 -18.03 -18.62 -16.27
C ASP A 6 -17.03 -17.70 -16.91
N VAL A 7 -16.92 -16.49 -16.40
CA VAL A 7 -15.98 -15.53 -16.93
C VAL A 7 -14.85 -15.30 -15.93
N SER A 8 -14.55 -16.32 -15.14
CA SER A 8 -13.48 -16.19 -14.17
C SER A 8 -12.11 -16.09 -14.86
N LYS A 9 -11.88 -16.94 -15.85
CA LYS A 9 -10.59 -16.90 -16.54
C LYS A 9 -10.46 -15.57 -17.26
N LEU A 10 -11.53 -15.16 -17.93
CA LEU A 10 -11.58 -13.86 -18.55
C LEU A 10 -11.22 -12.77 -17.55
N LEU A 11 -11.70 -12.91 -16.32
CA LEU A 11 -11.41 -11.90 -15.32
C LEU A 11 -9.93 -11.77 -15.05
N VAL A 12 -9.24 -12.89 -14.78
CA VAL A 12 -7.86 -12.81 -14.31
C VAL A 12 -6.91 -12.34 -15.40
N GLU A 13 -7.28 -12.59 -16.65
CA GLU A 13 -6.43 -12.20 -17.76
C GLU A 13 -6.62 -10.74 -18.17
N ARG A 14 -7.86 -10.25 -18.10
CA ARG A 14 -8.14 -8.88 -18.53
C ARG A 14 -8.15 -7.88 -17.39
N VAL A 15 -8.30 -8.33 -16.15
CA VAL A 15 -8.43 -7.39 -15.03
C VAL A 15 -7.15 -7.17 -14.25
N ASP A 16 -6.73 -5.91 -14.21
CA ASP A 16 -5.56 -5.51 -13.44
C ASP A 16 -5.67 -5.97 -11.99
N PRO A 17 -4.61 -6.63 -11.48
CA PRO A 17 -4.60 -7.29 -10.17
C PRO A 17 -5.01 -6.46 -8.95
N LYS A 18 -4.69 -5.16 -8.90
CA LYS A 18 -5.21 -4.36 -7.80
C LYS A 18 -6.75 -4.45 -7.76
N ILE A 19 -7.35 -4.35 -8.93
CA ILE A 19 -8.77 -4.45 -9.12
C ILE A 19 -9.41 -5.82 -8.98
N LEU A 20 -8.77 -6.84 -9.52
CA LEU A 20 -9.27 -8.21 -9.39
C LEU A 20 -9.21 -8.59 -7.91
N ASN A 21 -8.19 -8.08 -7.23
CA ASN A 21 -8.05 -8.37 -5.82
C ASN A 21 -9.18 -7.76 -5.01
N LEU A 22 -9.54 -6.54 -5.36
CA LEU A 22 -10.67 -5.87 -4.75
C LEU A 22 -11.98 -6.63 -4.95
N PHE A 23 -12.11 -7.34 -6.09
CA PHE A 23 -13.28 -8.16 -6.30
C PHE A 23 -13.30 -9.36 -5.37
N ARG A 24 -12.19 -10.09 -5.34
CA ARG A 24 -12.07 -11.22 -4.44
C ARG A 24 -12.41 -10.84 -3.01
N LEU A 25 -12.04 -9.64 -2.59
CA LEU A 25 -12.30 -9.24 -1.22
C LEU A 25 -13.76 -8.88 -1.01
N LEU A 26 -14.28 -8.01 -1.87
CA LEU A 26 -15.69 -7.63 -1.79
C LEU A 26 -16.54 -8.90 -1.70
N GLY A 27 -16.23 -9.86 -2.55
CA GLY A 27 -16.89 -11.15 -2.52
C GLY A 27 -16.79 -11.78 -1.14
N LYS A 28 -15.58 -11.85 -0.57
CA LYS A 28 -15.44 -12.46 0.74
C LYS A 28 -16.17 -11.66 1.81
N PHE A 29 -16.07 -10.33 1.78
CA PHE A 29 -16.78 -9.51 2.74
C PHE A 29 -18.27 -9.82 2.64
N GLY A 30 -18.76 -9.92 1.41
CA GLY A 30 -20.15 -10.29 1.19
C GLY A 30 -20.49 -11.53 1.96
N ASP A 31 -19.68 -12.58 1.77
CA ASP A 31 -19.84 -13.84 2.51
C ASP A 31 -19.77 -13.70 4.03
N GLU A 32 -18.89 -12.83 4.51
CA GLU A 32 -18.75 -12.60 5.93
C GLU A 32 -19.97 -11.92 6.55
N VAL A 33 -20.62 -11.01 5.81
CA VAL A 33 -21.80 -10.31 6.32
C VAL A 33 -23.07 -10.92 5.78
N ASN A 34 -22.95 -12.11 5.18
CA ASN A 34 -24.08 -12.84 4.61
C ASN A 34 -24.90 -12.17 3.49
N MET A 35 -24.26 -11.46 2.57
CA MET A 35 -24.97 -10.87 1.44
C MET A 35 -24.34 -11.26 0.11
N PRO A 36 -25.16 -11.62 -0.90
CA PRO A 36 -24.67 -11.77 -2.27
C PRO A 36 -24.07 -10.47 -2.74
N VAL A 37 -22.86 -10.51 -3.27
CA VAL A 37 -22.24 -9.34 -3.87
C VAL A 37 -22.16 -9.46 -5.41
N TYR A 38 -22.68 -8.49 -6.14
CA TYR A 38 -22.52 -8.48 -7.60
C TYR A 38 -21.83 -7.22 -8.06
N VAL A 39 -20.99 -7.34 -9.09
CA VAL A 39 -20.60 -6.16 -9.85
C VAL A 39 -21.50 -6.10 -11.07
N VAL A 40 -21.92 -4.89 -11.43
CA VAL A 40 -22.96 -4.77 -12.46
C VAL A 40 -22.77 -3.59 -13.39
N GLY A 41 -23.61 -3.56 -14.43
CA GLY A 41 -23.61 -2.49 -15.41
C GLY A 41 -22.43 -2.37 -16.36
N GLY A 42 -21.95 -1.13 -16.47
CA GLY A 42 -20.99 -0.76 -17.47
C GLY A 42 -19.73 -1.57 -17.44
N PHE A 43 -19.22 -1.91 -16.26
CA PHE A 43 -17.97 -2.65 -16.18
C PHE A 43 -18.15 -4.04 -16.76
N VAL A 44 -19.33 -4.60 -16.57
CA VAL A 44 -19.54 -5.96 -17.01
C VAL A 44 -19.54 -5.90 -18.50
N ARG A 45 -20.16 -4.85 -19.01
CA ARG A 45 -20.24 -4.66 -20.44
C ARG A 45 -18.85 -4.43 -21.06
N ASP A 46 -18.10 -3.50 -20.49
CA ASP A 46 -16.78 -3.19 -21.02
C ASP A 46 -15.80 -4.37 -20.89
N LEU A 47 -15.91 -5.11 -19.79
CA LEU A 47 -15.04 -6.26 -19.59
C LEU A 47 -15.13 -7.22 -20.75
N LEU A 48 -16.37 -7.49 -21.17
CA LEU A 48 -16.61 -8.43 -22.24
C LEU A 48 -16.24 -7.86 -23.62
N LEU A 49 -16.08 -6.54 -23.71
CA LEU A 49 -15.69 -5.89 -24.95
C LEU A 49 -14.21 -5.56 -24.99
N GLY A 50 -13.53 -5.81 -23.88
CA GLY A 50 -12.12 -5.55 -23.79
C GLY A 50 -11.81 -4.09 -23.52
N ILE A 51 -12.81 -3.34 -23.07
CA ILE A 51 -12.62 -1.94 -22.70
C ILE A 51 -12.33 -1.77 -21.21
N LYS A 52 -11.46 -0.83 -20.89
CA LYS A 52 -11.11 -0.52 -19.52
C LYS A 52 -12.22 0.30 -18.84
N ASN A 53 -12.45 0.02 -17.55
CA ASN A 53 -13.43 0.77 -16.77
C ASN A 53 -12.90 0.84 -15.36
N LEU A 54 -13.02 2.00 -14.72
CA LEU A 54 -12.55 2.22 -13.34
C LEU A 54 -13.69 2.81 -12.49
N ASP A 55 -14.88 2.73 -13.05
CA ASP A 55 -16.08 3.17 -12.37
C ASP A 55 -16.92 1.92 -12.21
N ILE A 56 -16.71 1.20 -11.12
CA ILE A 56 -17.37 -0.07 -10.91
C ILE A 56 -18.50 -0.05 -9.93
N ASP A 57 -19.64 -0.57 -10.37
CA ASP A 57 -20.88 -0.63 -9.61
C ASP A 57 -21.05 -1.99 -8.95
N ILE A 58 -21.16 -1.99 -7.61
CA ILE A 58 -21.52 -3.17 -6.84
C ILE A 58 -23.01 -3.13 -6.42
N VAL A 59 -23.70 -4.25 -6.57
CA VAL A 59 -25.01 -4.39 -5.95
C VAL A 59 -24.98 -5.49 -4.89
N VAL A 60 -25.43 -5.19 -3.68
CA VAL A 60 -25.52 -6.26 -2.69
C VAL A 60 -26.96 -6.59 -2.44
N GLU A 61 -27.23 -7.82 -2.01
CA GLU A 61 -28.55 -8.20 -1.50
C GLU A 61 -28.44 -8.16 0.01
N GLY A 62 -28.91 -7.07 0.60
CA GLY A 62 -28.77 -6.87 2.03
C GLY A 62 -28.86 -5.40 2.37
N ASN A 63 -27.75 -4.81 2.76
CA ASN A 63 -27.70 -3.41 3.06
C ASN A 63 -26.42 -2.79 2.57
N ALA A 64 -26.49 -1.98 1.53
CA ALA A 64 -25.29 -1.32 1.01
C ALA A 64 -24.51 -0.60 2.12
N LEU A 65 -25.21 0.21 2.89
CA LEU A 65 -24.61 0.93 4.01
C LEU A 65 -23.81 0.04 4.95
N GLU A 66 -24.48 -0.92 5.58
CA GLU A 66 -23.80 -1.98 6.32
C GLU A 66 -22.65 -2.60 5.54
N PHE A 67 -22.95 -3.17 4.37
CA PHE A 67 -21.91 -3.79 3.60
C PHE A 67 -20.71 -2.84 3.41
N ALA A 68 -20.98 -1.57 3.10
CA ALA A 68 -19.88 -0.63 2.85
C ALA A 68 -19.14 -0.21 4.12
N GLU A 69 -19.86 0.00 5.21
CA GLU A 69 -19.14 0.25 6.45
C GLU A 69 -18.24 -0.93 6.81
N TYR A 70 -18.78 -2.14 6.72
CA TYR A 70 -17.99 -3.34 6.91
C TYR A 70 -16.76 -3.38 6.00
N ALA A 71 -16.89 -2.91 4.76
CA ALA A 71 -15.71 -2.93 3.89
C ALA A 71 -14.65 -1.88 4.26
N LYS A 72 -15.07 -0.66 4.55
CA LYS A 72 -14.13 0.41 4.92
C LYS A 72 -13.15 -0.10 5.98
N ARG A 73 -13.66 -0.91 6.90
CA ARG A 73 -12.84 -1.50 7.95
C ARG A 73 -11.53 -2.03 7.42
N PHE A 74 -11.59 -2.65 6.25
CA PHE A 74 -10.45 -3.38 5.74
C PHE A 74 -9.85 -2.80 4.48
N LEU A 75 -10.30 -1.63 4.06
CA LEU A 75 -9.85 -1.03 2.80
C LEU A 75 -9.54 0.46 2.97
N PRO A 76 -8.37 0.89 2.50
CA PRO A 76 -8.00 2.30 2.60
C PRO A 76 -8.84 3.14 1.65
N GLY A 77 -9.36 4.26 2.12
CA GLY A 77 -10.09 5.17 1.26
C GLY A 77 -11.14 5.94 2.03
N LYS A 78 -11.88 6.80 1.31
CA LYS A 78 -12.92 7.61 1.96
C LYS A 78 -14.33 7.09 1.61
N LEU A 79 -15.17 6.96 2.63
CA LEU A 79 -16.53 6.46 2.43
C LEU A 79 -17.56 7.59 2.48
N VAL A 80 -18.38 7.69 1.43
CA VAL A 80 -19.54 8.59 1.44
C VAL A 80 -20.81 7.77 1.47
N LYS A 81 -21.63 7.98 2.48
CA LYS A 81 -22.92 7.32 2.55
C LYS A 81 -24.06 8.19 2.02
N HIS A 82 -25.03 7.59 1.36
CA HIS A 82 -26.21 8.29 0.93
C HIS A 82 -27.36 7.52 1.50
N ASP A 83 -27.78 7.85 2.70
CA ASP A 83 -28.81 7.09 3.39
C ASP A 83 -30.18 7.08 2.78
N LYS A 84 -30.58 8.16 2.15
CA LYS A 84 -31.98 8.27 1.81
C LYS A 84 -32.36 7.10 0.97
N PHE A 85 -31.52 6.78 0.01
CA PHE A 85 -31.63 5.54 -0.75
C PHE A 85 -30.45 4.62 -0.53
N MET A 86 -30.50 3.80 0.50
CA MET A 86 -29.35 3.01 0.90
C MET A 86 -28.46 2.82 -0.27
N THR A 87 -27.38 3.57 -0.28
CA THR A 87 -26.43 3.55 -1.37
C THR A 87 -25.12 4.10 -0.79
N ALA A 88 -23.99 3.80 -1.40
CA ALA A 88 -22.70 4.34 -0.91
C ALA A 88 -21.60 4.26 -1.94
N SER A 89 -20.58 5.10 -1.77
CA SER A 89 -19.43 5.10 -2.64
C SER A 89 -18.18 5.03 -1.77
N LEU A 90 -17.26 4.16 -2.17
CA LEU A 90 -15.97 4.03 -1.51
C LEU A 90 -14.94 4.60 -2.49
N PHE A 91 -14.13 5.53 -2.02
CA PHE A 91 -13.18 6.22 -2.88
C PHE A 91 -11.75 5.73 -2.72
N LEU A 92 -11.26 5.07 -3.77
CA LEU A 92 -9.93 4.48 -3.74
C LEU A 92 -8.99 5.19 -4.71
N LYS A 93 -7.70 4.93 -4.54
CA LYS A 93 -6.67 5.70 -5.22
C LYS A 93 -6.43 5.24 -6.65
N GLY A 94 -6.29 6.22 -7.54
CA GLY A 94 -6.02 5.96 -8.94
C GLY A 94 -7.25 6.10 -9.82
N GLY A 95 -8.08 7.08 -9.52
CA GLY A 95 -9.31 7.34 -10.27
C GLY A 95 -10.37 6.27 -10.08
N LEU A 96 -10.33 5.57 -8.93
CA LEU A 96 -11.11 4.35 -8.73
C LEU A 96 -12.24 4.49 -7.71
N ARG A 97 -13.46 4.71 -8.23
CA ARG A 97 -14.63 4.90 -7.38
C ARG A 97 -15.49 3.65 -7.39
N ILE A 98 -15.69 3.08 -6.21
CA ILE A 98 -16.51 1.87 -6.08
C ILE A 98 -17.88 2.19 -5.43
N ASP A 99 -18.94 2.17 -6.25
CA ASP A 99 -20.29 2.48 -5.79
C ASP A 99 -21.10 1.23 -5.39
N ILE A 100 -21.75 1.27 -4.24
CA ILE A 100 -22.48 0.12 -3.75
C ILE A 100 -23.93 0.41 -3.53
N ALA A 101 -24.80 -0.43 -4.07
CA ALA A 101 -26.24 -0.25 -3.89
C ALA A 101 -26.93 -1.49 -3.37
N THR A 102 -28.13 -1.27 -2.84
CA THR A 102 -28.93 -2.34 -2.29
C THR A 102 -29.98 -2.70 -3.31
N ALA A 103 -30.01 -3.97 -3.71
CA ALA A 103 -31.04 -4.47 -4.60
C ALA A 103 -32.34 -4.62 -3.81
N ARG A 104 -33.43 -4.23 -4.43
CA ARG A 104 -34.76 -4.16 -3.83
C ARG A 104 -35.52 -5.45 -3.54
N LEU A 105 -36.61 -5.29 -2.80
CA LEU A 105 -37.44 -6.41 -2.32
C LEU A 105 -37.09 -7.76 -2.95
N ASP A 116 -32.28 -19.17 -11.76
CA ASP A 116 -33.12 -18.41 -10.80
C ASP A 116 -33.22 -19.15 -9.49
N VAL A 117 -32.12 -19.42 -8.83
CA VAL A 117 -32.25 -20.12 -7.57
C VAL A 117 -33.09 -19.40 -6.49
N GLU A 118 -33.09 -18.09 -6.42
CA GLU A 118 -33.93 -17.51 -5.37
C GLU A 118 -33.32 -16.15 -5.04
N MET A 119 -32.02 -16.14 -4.97
CA MET A 119 -31.29 -15.00 -4.50
C MET A 119 -31.30 -14.14 -5.75
N SER A 120 -32.18 -14.56 -6.66
CA SER A 120 -32.39 -13.91 -7.94
C SER A 120 -33.53 -12.84 -7.85
N THR A 121 -33.06 -11.79 -7.20
CA THR A 121 -33.69 -10.57 -6.81
C THR A 121 -32.79 -9.58 -7.54
N ILE A 122 -31.60 -10.04 -7.96
CA ILE A 122 -30.76 -9.26 -8.86
C ILE A 122 -31.49 -9.21 -10.18
N LYS A 123 -32.15 -10.32 -10.54
CA LYS A 123 -32.96 -10.31 -11.76
C LYS A 123 -33.99 -9.18 -11.80
N LYS A 124 -34.65 -8.91 -10.67
CA LYS A 124 -35.51 -7.73 -10.53
C LYS A 124 -34.73 -6.41 -10.58
N ASP A 125 -33.46 -6.45 -10.16
CA ASP A 125 -32.57 -5.29 -10.24
C ASP A 125 -32.11 -5.07 -11.68
N LEU A 126 -31.71 -6.17 -12.33
CA LEU A 126 -31.22 -6.15 -13.68
C LEU A 126 -32.33 -5.78 -14.67
N TYR A 127 -33.53 -6.29 -14.44
CA TYR A 127 -34.64 -6.04 -15.36
C TYR A 127 -35.03 -4.56 -15.37
N ARG A 128 -34.77 -3.88 -14.27
CA ARG A 128 -35.14 -2.48 -14.15
C ARG A 128 -34.20 -1.54 -14.96
N ARG A 129 -33.23 -2.12 -15.64
CA ARG A 129 -32.20 -1.32 -16.27
C ARG A 129 -32.56 -0.96 -17.70
N ASP A 130 -31.67 -0.28 -18.43
CA ASP A 130 -32.04 0.24 -19.77
C ASP A 130 -31.86 -0.63 -21.03
N PHE A 131 -30.64 -1.08 -21.33
CA PHE A 131 -30.45 -2.01 -22.45
C PHE A 131 -29.76 -3.31 -22.01
N THR A 132 -29.89 -4.35 -22.80
CA THR A 132 -29.35 -5.64 -22.42
C THR A 132 -27.86 -5.69 -22.19
N ILE A 133 -27.09 -4.97 -22.96
CA ILE A 133 -25.67 -4.99 -22.73
C ILE A 133 -25.37 -4.38 -21.40
N ASN A 134 -26.28 -3.56 -20.89
CA ASN A 134 -26.04 -2.88 -19.61
C ASN A 134 -26.75 -3.58 -18.42
N ALA A 135 -27.32 -4.74 -18.66
CA ALA A 135 -28.11 -5.43 -17.67
C ALA A 135 -27.57 -6.77 -17.28
N MET A 136 -26.27 -6.92 -17.16
CA MET A 136 -25.68 -8.18 -16.79
C MET A 136 -24.94 -7.99 -15.52
N ALA A 137 -24.58 -9.07 -14.86
CA ALA A 137 -23.98 -9.02 -13.52
C ALA A 137 -22.93 -10.10 -13.35
N ILE A 138 -21.86 -9.80 -12.61
CA ILE A 138 -20.88 -10.85 -12.26
C ILE A 138 -20.86 -11.06 -10.75
N LYS A 139 -21.22 -12.25 -10.29
CA LYS A 139 -21.27 -12.58 -8.85
C LYS A 139 -19.86 -12.70 -8.28
N LEU A 140 -19.62 -12.10 -7.12
CA LEU A 140 -18.27 -12.01 -6.57
C LEU A 140 -18.05 -12.87 -5.33
N ASN A 141 -19.13 -13.43 -4.77
CA ASN A 141 -18.96 -14.29 -3.59
C ASN A 141 -18.08 -15.48 -3.94
N PRO A 142 -17.16 -15.82 -3.05
CA PRO A 142 -16.18 -16.83 -3.43
C PRO A 142 -16.79 -18.07 -4.10
N LYS A 143 -17.90 -18.56 -3.56
CA LYS A 143 -18.50 -19.78 -4.10
C LYS A 143 -18.75 -19.69 -5.61
N ASP A 144 -19.29 -18.57 -6.07
CA ASP A 144 -19.66 -18.40 -7.47
C ASP A 144 -18.86 -17.28 -8.13
N PHE A 145 -17.58 -17.17 -7.79
CA PHE A 145 -16.78 -15.97 -8.09
C PHE A 145 -16.83 -15.43 -9.53
N GLY A 146 -16.81 -16.28 -10.53
CA GLY A 146 -16.83 -15.68 -11.85
C GLY A 146 -18.16 -15.63 -12.59
N LEU A 147 -19.27 -15.72 -11.87
CA LEU A 147 -20.55 -16.06 -12.51
C LEU A 147 -21.16 -14.93 -13.29
N LEU A 148 -21.25 -15.10 -14.61
CA LEU A 148 -21.88 -14.11 -15.48
C LEU A 148 -23.35 -14.41 -15.51
N ILE A 149 -24.15 -13.44 -15.05
CA ILE A 149 -25.59 -13.58 -14.94
C ILE A 149 -26.33 -12.70 -15.95
N ASP A 150 -26.90 -13.36 -16.95
CA ASP A 150 -27.36 -12.67 -18.12
C ASP A 150 -28.70 -13.26 -18.53
N PHE A 151 -29.76 -12.81 -17.87
CA PHE A 151 -31.12 -13.21 -18.21
C PHE A 151 -31.65 -12.66 -19.54
N PHE A 152 -31.12 -11.51 -19.98
CA PHE A 152 -31.78 -10.82 -21.10
C PHE A 152 -31.12 -10.87 -22.47
N GLY A 153 -30.10 -11.69 -22.61
CA GLY A 153 -29.44 -11.90 -23.89
C GLY A 153 -28.54 -10.74 -24.25
N GLY A 154 -27.92 -10.16 -23.25
CA GLY A 154 -26.95 -9.10 -23.43
C GLY A 154 -25.60 -9.60 -23.91
N TYR A 155 -25.28 -10.87 -23.62
CA TYR A 155 -24.02 -11.45 -24.08
C TYR A 155 -24.03 -11.61 -25.60
N ARG A 156 -25.06 -12.22 -26.11
CA ARG A 156 -25.18 -12.35 -27.53
C ARG A 156 -25.32 -11.00 -28.13
N ASP A 157 -26.03 -10.14 -27.45
CA ASP A 157 -26.27 -8.80 -27.97
C ASP A 157 -24.96 -8.00 -28.09
N LEU A 158 -23.99 -8.35 -27.24
CA LEU A 158 -22.63 -7.81 -27.41
C LEU A 158 -21.95 -8.43 -28.61
N LYS A 159 -22.17 -9.72 -28.83
CA LYS A 159 -21.52 -10.37 -29.96
C LYS A 159 -22.07 -9.88 -31.28
N GLU A 160 -23.37 -9.57 -31.29
CA GLU A 160 -24.03 -9.15 -32.51
C GLU A 160 -24.16 -7.65 -32.60
N GLY A 161 -23.51 -6.92 -31.70
CA GLY A 161 -23.58 -5.48 -31.69
C GLY A 161 -24.97 -4.88 -31.73
N VAL A 162 -25.83 -5.30 -30.80
CA VAL A 162 -27.21 -4.84 -30.78
C VAL A 162 -27.57 -4.05 -29.53
N ILE A 163 -28.22 -2.90 -29.73
CA ILE A 163 -28.77 -2.12 -28.61
C ILE A 163 -30.26 -2.46 -28.45
N ARG A 164 -30.64 -2.99 -27.29
CA ARG A 164 -31.98 -3.53 -27.10
C ARG A 164 -32.56 -3.28 -25.70
N VAL A 165 -33.78 -2.75 -25.65
CA VAL A 165 -34.45 -2.51 -24.38
C VAL A 165 -34.94 -3.83 -23.74
N LEU A 166 -35.01 -3.87 -22.42
CA LEU A 166 -35.41 -5.06 -21.70
C LEU A 166 -36.86 -5.46 -21.87
N HIS A 167 -37.67 -4.46 -22.10
CA HIS A 167 -39.12 -4.60 -22.19
C HIS A 167 -39.75 -3.45 -22.97
N THR A 168 -40.90 -3.76 -23.54
CA THR A 168 -41.77 -2.83 -24.26
C THR A 168 -42.00 -1.44 -23.69
N LEU A 169 -42.07 -1.33 -22.37
CA LEU A 169 -42.39 -0.04 -21.77
C LEU A 169 -41.18 0.76 -21.34
N SER A 170 -40.00 0.29 -21.72
CA SER A 170 -38.74 0.93 -21.38
C SER A 170 -38.68 2.45 -21.61
N PHE A 171 -38.94 2.93 -22.84
CA PHE A 171 -38.86 4.37 -23.15
C PHE A 171 -39.99 5.17 -22.51
N VAL A 172 -41.17 4.56 -22.40
CA VAL A 172 -42.28 5.17 -21.70
C VAL A 172 -41.94 5.43 -20.21
N ASP A 173 -41.22 4.51 -19.57
CA ASP A 173 -40.84 4.67 -18.16
C ASP A 173 -39.82 5.78 -18.00
N ASP A 174 -38.89 5.82 -18.93
CA ASP A 174 -37.82 6.80 -18.94
C ASP A 174 -37.49 7.17 -20.36
N PRO A 175 -37.99 8.30 -20.84
CA PRO A 175 -37.71 8.71 -22.22
C PRO A 175 -36.27 9.14 -22.37
N THR A 176 -35.60 9.20 -21.24
CA THR A 176 -34.22 9.59 -21.18
C THR A 176 -33.32 8.53 -21.84
N ARG A 177 -33.83 7.31 -21.89
CA ARG A 177 -33.21 6.21 -22.60
C ARG A 177 -33.27 6.34 -24.12
N ILE A 178 -34.18 7.16 -24.62
CA ILE A 178 -34.18 7.48 -26.04
C ILE A 178 -32.79 8.03 -26.37
N LEU A 179 -32.35 8.98 -25.55
CA LEU A 179 -31.04 9.57 -25.72
C LEU A 179 -29.95 8.56 -25.47
N ARG A 180 -30.08 7.81 -24.37
CA ARG A 180 -29.06 6.81 -24.04
C ARG A 180 -28.83 5.82 -25.17
N ALA A 181 -29.91 5.27 -25.73
CA ALA A 181 -29.79 4.30 -26.84
C ALA A 181 -28.90 4.81 -27.97
N ILE A 182 -29.11 6.04 -28.41
CA ILE A 182 -28.32 6.58 -29.48
C ILE A 182 -26.88 6.78 -29.10
N ARG A 183 -26.62 7.31 -27.92
CA ARG A 183 -25.25 7.47 -27.47
C ARG A 183 -24.46 6.17 -27.50
N PHE A 184 -25.04 5.07 -27.01
CA PHE A 184 -24.34 3.80 -26.95
C PHE A 184 -24.22 3.15 -28.31
N GLU A 185 -25.30 3.17 -29.07
CA GLU A 185 -25.25 2.73 -30.48
C GLU A 185 -24.25 3.44 -31.36
N GLN A 186 -23.92 4.68 -31.04
CA GLN A 186 -22.87 5.43 -31.73
C GLN A 186 -21.48 5.27 -31.13
N ARG A 187 -21.39 5.01 -29.84
CA ARG A 187 -20.11 4.76 -29.24
C ARG A 187 -19.45 3.51 -29.72
N PHE A 188 -20.22 2.45 -29.75
CA PHE A 188 -19.77 1.16 -30.22
C PHE A 188 -20.49 1.21 -31.48
N ASP A 189 -19.99 0.61 -32.53
CA ASP A 189 -20.77 0.79 -33.71
C ASP A 189 -21.86 -0.23 -33.87
N PHE A 190 -22.76 -0.23 -32.91
CA PHE A 190 -23.88 -1.13 -32.79
C PHE A 190 -25.08 -0.55 -33.52
N ARG A 191 -26.14 -1.34 -33.68
CA ARG A 191 -27.37 -0.82 -34.26
C ARG A 191 -28.55 -1.16 -33.35
N ILE A 192 -29.40 -0.17 -33.11
CA ILE A 192 -30.64 -0.38 -32.36
C ILE A 192 -31.54 -1.37 -33.11
N GLU A 193 -31.79 -2.53 -32.52
CA GLU A 193 -32.58 -3.56 -33.18
C GLU A 193 -34.01 -3.09 -33.47
N GLU A 194 -34.64 -3.74 -34.44
CA GLU A 194 -35.96 -3.36 -34.96
C GLU A 194 -36.98 -2.97 -33.89
N THR A 195 -37.32 -3.91 -33.01
CA THR A 195 -38.39 -3.66 -32.04
C THR A 195 -38.13 -2.42 -31.23
N THR A 196 -36.91 -2.30 -30.71
CA THR A 196 -36.54 -1.15 -29.89
C THR A 196 -36.70 0.13 -30.72
N GLU A 197 -36.30 0.09 -31.98
CA GLU A 197 -36.41 1.26 -32.85
C GLU A 197 -37.86 1.74 -33.07
N ARG A 198 -38.77 0.80 -33.30
CA ARG A 198 -40.19 1.10 -33.37
C ARG A 198 -40.63 1.78 -32.05
N LEU A 199 -40.32 1.14 -30.94
CA LEU A 199 -40.56 1.70 -29.62
C LEU A 199 -39.93 3.09 -29.44
N LEU A 200 -38.66 3.22 -29.75
CA LEU A 200 -37.97 4.50 -29.61
C LEU A 200 -38.66 5.58 -30.45
N LYS A 201 -38.91 5.27 -31.72
CA LYS A 201 -39.61 6.18 -32.63
C LYS A 201 -40.97 6.59 -32.07
N GLN A 202 -41.72 5.61 -31.56
CA GLN A 202 -43.04 5.89 -31.06
C GLN A 202 -43.05 6.84 -29.87
N ALA A 203 -42.11 6.66 -28.95
CA ALA A 203 -42.06 7.52 -27.77
C ALA A 203 -41.72 8.95 -28.17
N VAL A 204 -40.81 9.10 -29.13
CA VAL A 204 -40.46 10.41 -29.64
C VAL A 204 -41.71 11.07 -30.23
N GLU A 205 -42.34 10.37 -31.16
CA GLU A 205 -43.47 10.92 -31.89
C GLU A 205 -44.59 11.37 -30.98
N GLU A 206 -44.84 10.61 -29.93
CA GLU A 206 -45.99 10.87 -29.07
C GLU A 206 -45.82 12.02 -28.11
N GLY A 207 -44.57 12.39 -27.81
CA GLY A 207 -44.27 13.48 -26.89
C GLY A 207 -43.51 13.10 -25.62
N TYR A 208 -42.96 11.89 -25.58
CA TYR A 208 -42.38 11.43 -24.34
C TYR A 208 -41.24 12.30 -23.85
N LEU A 209 -40.38 12.74 -24.75
CA LEU A 209 -39.32 13.69 -24.41
C LEU A 209 -39.91 14.99 -23.85
N GLU A 210 -40.96 15.50 -24.49
CA GLU A 210 -41.47 16.79 -24.05
C GLU A 210 -42.06 16.61 -22.66
N ARG A 211 -42.36 15.36 -22.36
CA ARG A 211 -42.92 14.91 -21.08
C ARG A 211 -41.89 14.75 -19.98
N THR A 212 -40.60 14.82 -20.31
CA THR A 212 -39.55 14.63 -19.30
C THR A 212 -38.82 15.93 -18.92
N THR A 213 -38.32 16.00 -17.70
CA THR A 213 -37.82 17.29 -17.21
C THR A 213 -36.64 17.79 -18.01
N GLY A 214 -36.55 19.12 -18.12
CA GLY A 214 -35.38 19.77 -18.69
C GLY A 214 -34.08 19.28 -18.08
N PRO A 215 -33.98 19.39 -16.77
CA PRO A 215 -32.72 18.93 -16.18
C PRO A 215 -32.29 17.54 -16.60
N ARG A 216 -33.17 16.54 -16.62
CA ARG A 216 -32.67 15.20 -17.00
C ARG A 216 -32.26 15.12 -18.46
N LEU A 217 -33.05 15.72 -19.35
CA LEU A 217 -32.70 15.87 -20.76
C LEU A 217 -31.33 16.56 -20.95
N ARG A 218 -31.12 17.67 -20.26
CA ARG A 218 -29.85 18.37 -20.36
C ARG A 218 -28.66 17.51 -20.04
N GLN A 219 -28.79 16.72 -18.97
CA GLN A 219 -27.68 15.89 -18.52
C GLN A 219 -27.37 14.83 -19.54
N GLU A 220 -28.42 14.21 -20.06
CA GLU A 220 -28.24 13.14 -21.00
C GLU A 220 -27.61 13.70 -22.27
N LEU A 221 -27.92 14.97 -22.52
CA LEU A 221 -27.41 15.73 -23.66
C LEU A 221 -25.93 16.05 -23.51
N GLU A 222 -25.56 16.45 -22.30
CA GLU A 222 -24.18 16.80 -21.99
C GLU A 222 -23.29 15.58 -22.08
N LYS A 223 -23.79 14.46 -21.57
CA LYS A 223 -23.10 13.19 -21.61
C LYS A 223 -22.81 12.76 -23.06
N ILE A 224 -23.71 13.09 -24.00
CA ILE A 224 -23.48 12.85 -25.42
C ILE A 224 -22.34 13.71 -25.92
N LEU A 225 -22.34 14.95 -25.47
CA LEU A 225 -21.31 15.87 -25.85
C LEU A 225 -19.94 15.52 -25.23
N GLU A 226 -19.92 14.68 -24.20
CA GLU A 226 -18.63 14.21 -23.66
C GLU A 226 -18.14 12.93 -24.33
N GLU A 227 -18.75 12.53 -25.44
CA GLU A 227 -18.36 11.28 -26.08
C GLU A 227 -17.25 11.55 -27.06
N LYS A 228 -16.71 10.52 -27.68
CA LYS A 228 -15.67 10.72 -28.65
C LYS A 228 -16.09 11.44 -29.89
N ASN A 229 -17.17 11.00 -30.49
CA ASN A 229 -17.74 11.73 -31.62
C ASN A 229 -19.21 12.15 -31.49
N PRO A 230 -19.48 13.22 -30.72
CA PRO A 230 -20.85 13.73 -30.55
C PRO A 230 -21.65 13.96 -31.84
N LEU A 231 -21.01 14.46 -32.90
CA LEU A 231 -21.71 14.67 -34.17
C LEU A 231 -22.48 13.42 -34.61
N LYS A 232 -21.87 12.24 -34.43
CA LYS A 232 -22.53 10.97 -34.73
C LYS A 232 -23.89 10.90 -34.07
N SER A 233 -23.91 11.15 -32.76
CA SER A 233 -25.15 11.12 -32.01
C SER A 233 -26.13 12.25 -32.39
N ILE A 234 -25.63 13.46 -32.56
CA ILE A 234 -26.52 14.54 -32.98
C ILE A 234 -27.20 14.15 -34.28
N ARG A 235 -26.43 13.53 -35.17
CA ARG A 235 -26.95 13.17 -36.48
C ARG A 235 -28.00 12.09 -36.37
N ARG A 236 -27.71 11.14 -35.50
CA ARG A 236 -28.61 10.04 -35.30
C ARG A 236 -29.87 10.58 -34.68
N MET A 237 -29.72 11.49 -33.73
CA MET A 237 -30.88 12.14 -33.13
C MET A 237 -31.77 12.70 -34.25
N ALA A 238 -31.18 13.54 -35.09
CA ALA A 238 -31.90 14.09 -36.21
C ALA A 238 -32.63 13.02 -37.07
N GLN A 239 -31.99 11.89 -37.32
CA GLN A 239 -32.68 10.80 -38.00
C GLN A 239 -33.96 10.35 -37.30
N PHE A 240 -34.01 10.44 -35.97
CA PHE A 240 -35.19 9.97 -35.20
C PHE A 240 -36.10 11.10 -34.77
N ASP A 241 -35.90 12.27 -35.34
CA ASP A 241 -36.77 13.39 -35.05
C ASP A 241 -36.62 13.88 -33.62
N VAL A 242 -35.60 13.39 -32.94
CA VAL A 242 -35.42 13.70 -31.54
C VAL A 242 -35.14 15.17 -31.29
N ILE A 243 -34.37 15.80 -32.15
CA ILE A 243 -33.99 17.21 -31.97
C ILE A 243 -35.19 18.16 -32.02
N LYS A 244 -36.01 18.01 -33.05
CA LYS A 244 -37.25 18.78 -33.19
C LYS A 244 -37.99 18.85 -31.86
N HIS A 245 -38.01 17.72 -31.14
CA HIS A 245 -38.76 17.57 -29.89
C HIS A 245 -37.99 17.97 -28.61
N LEU A 246 -36.85 18.64 -28.76
CA LEU A 246 -36.03 18.98 -27.61
C LEU A 246 -35.94 20.47 -27.67
N PHE A 247 -35.86 20.91 -28.91
CA PHE A 247 -35.80 22.32 -29.23
C PHE A 247 -36.78 22.53 -30.37
N PRO A 248 -37.98 23.00 -30.03
CA PRO A 248 -39.12 22.96 -30.93
C PRO A 248 -38.97 23.86 -32.16
N LYS A 249 -38.17 24.91 -32.08
CA LYS A 249 -37.88 25.72 -33.25
C LYS A 249 -36.57 25.39 -33.97
N THR A 250 -35.90 24.30 -33.62
CA THR A 250 -34.66 23.94 -34.30
C THR A 250 -34.91 22.90 -35.37
N TYR A 251 -34.49 23.20 -36.59
CA TYR A 251 -34.78 22.32 -37.72
C TYR A 251 -33.46 21.88 -38.33
N TYR A 252 -33.11 20.62 -38.10
CA TYR A 252 -31.77 20.13 -38.42
C TYR A 252 -31.65 19.81 -39.90
N THR A 253 -31.22 20.82 -40.66
CA THR A 253 -31.14 20.77 -42.12
C THR A 253 -29.70 20.56 -42.57
N PRO A 254 -29.51 20.26 -43.86
CA PRO A 254 -28.18 20.09 -44.42
C PRO A 254 -27.31 21.23 -43.99
N SER A 255 -27.91 22.41 -43.94
CA SER A 255 -27.21 23.59 -43.49
C SER A 255 -26.78 23.51 -42.04
N MET A 256 -27.73 23.28 -41.13
CA MET A 256 -27.40 23.26 -39.71
C MET A 256 -26.35 22.19 -39.48
N ASP A 257 -26.58 21.03 -40.07
CA ASP A 257 -25.65 19.94 -39.95
C ASP A 257 -24.26 20.27 -40.50
N GLU A 258 -24.19 20.99 -41.62
CA GLU A 258 -22.91 21.47 -42.14
C GLU A 258 -22.26 22.39 -41.12
N LYS A 259 -23.06 23.21 -40.46
CA LYS A 259 -22.52 24.08 -39.43
C LYS A 259 -22.00 23.21 -38.29
N MET A 260 -22.83 22.29 -37.81
CA MET A 260 -22.45 21.42 -36.70
C MET A 260 -21.11 20.73 -36.96
N GLU A 261 -20.88 20.32 -38.21
CA GLU A 261 -19.63 19.64 -38.56
C GLU A 261 -18.43 20.55 -38.44
N ASN A 262 -18.57 21.76 -38.97
CA ASN A 262 -17.58 22.78 -38.79
C ASN A 262 -17.36 23.10 -37.32
N LEU A 263 -18.47 23.13 -36.58
CA LEU A 263 -18.44 23.44 -35.17
C LEU A 263 -17.54 22.42 -34.49
N PHE A 264 -17.80 21.14 -34.76
CA PHE A 264 -17.03 20.11 -34.07
C PHE A 264 -15.59 20.03 -34.53
N ARG A 265 -15.36 20.33 -35.81
CA ARG A 265 -14.00 20.31 -36.33
C ARG A 265 -13.12 21.33 -35.61
N ASN A 266 -13.70 22.47 -35.26
CA ASN A 266 -12.92 23.60 -34.76
C ASN A 266 -12.86 23.77 -33.25
N ILE A 267 -13.66 23.00 -32.52
CA ILE A 267 -13.66 23.10 -31.06
C ILE A 267 -12.31 22.73 -30.45
N PRO A 268 -11.65 21.70 -31.00
CA PRO A 268 -10.29 21.45 -30.52
C PRO A 268 -9.44 22.69 -30.66
N TRP A 269 -9.22 23.11 -31.89
CA TRP A 269 -8.38 24.26 -32.15
C TRP A 269 -8.74 25.44 -31.26
N VAL A 270 -10.01 25.61 -30.94
CA VAL A 270 -10.37 26.69 -30.04
C VAL A 270 -9.83 26.39 -28.64
N GLU A 271 -10.36 25.36 -28.00
CA GLU A 271 -9.81 24.90 -26.75
C GLU A 271 -8.30 25.09 -26.67
N GLU A 272 -7.56 24.58 -27.65
CA GLU A 272 -6.12 24.66 -27.61
C GLU A 272 -5.66 26.06 -27.48
N ASN A 273 -6.38 27.01 -28.01
CA ASN A 273 -5.86 28.37 -27.94
C ASN A 273 -6.64 29.35 -27.10
N PHE A 274 -7.77 28.95 -26.59
CA PHE A 274 -8.58 29.90 -25.82
C PHE A 274 -9.13 29.26 -24.55
N GLY A 275 -8.99 27.95 -24.43
CA GLY A 275 -9.38 27.25 -23.22
C GLY A 275 -10.73 26.56 -23.25
N GLU A 276 -11.22 26.21 -22.09
CA GLU A 276 -12.37 25.38 -22.02
C GLU A 276 -13.50 25.88 -22.86
N VAL A 277 -14.04 24.97 -23.67
CA VAL A 277 -15.26 25.24 -24.41
C VAL A 277 -16.35 24.41 -23.80
N ASP A 278 -17.45 25.06 -23.41
CA ASP A 278 -18.58 24.30 -22.93
C ASP A 278 -19.41 23.88 -24.16
N ARG A 279 -19.27 22.62 -24.53
CA ARG A 279 -19.88 22.10 -25.74
C ARG A 279 -21.42 22.22 -25.75
N PHE A 280 -22.04 22.00 -24.61
CA PHE A 280 -23.47 22.21 -24.57
C PHE A 280 -23.84 23.61 -25.07
N TYR A 281 -23.11 24.63 -24.61
CA TYR A 281 -23.35 26.00 -25.09
C TYR A 281 -22.94 26.25 -26.55
N ALA A 282 -21.90 25.56 -26.99
CA ALA A 282 -21.37 25.73 -28.33
C ALA A 282 -22.40 25.20 -29.30
N VAL A 283 -22.99 24.07 -28.97
CA VAL A 283 -24.00 23.44 -29.82
C VAL A 283 -25.28 24.25 -29.85
N LEU A 284 -25.62 24.87 -28.73
CA LEU A 284 -26.88 25.57 -28.62
C LEU A 284 -26.82 26.78 -29.53
N HIS A 285 -25.60 27.30 -29.70
CA HIS A 285 -25.35 28.41 -30.60
C HIS A 285 -25.80 28.09 -32.01
N VAL A 286 -25.72 26.82 -32.37
CA VAL A 286 -26.15 26.39 -33.69
C VAL A 286 -27.63 26.02 -33.67
N PHE A 287 -28.02 25.13 -32.77
CA PHE A 287 -29.41 24.70 -32.67
C PHE A 287 -30.30 25.92 -32.66
N LEU A 288 -29.95 26.89 -31.85
CA LEU A 288 -30.84 28.01 -31.60
C LEU A 288 -30.84 29.25 -32.49
N GLU A 289 -30.09 29.27 -33.55
CA GLU A 289 -30.05 30.43 -34.37
C GLU A 289 -31.40 30.78 -34.88
N PHE A 290 -31.66 32.07 -35.00
CA PHE A 290 -32.86 32.67 -35.58
C PHE A 290 -34.10 32.38 -34.80
N TYR A 291 -33.93 32.18 -33.49
CA TYR A 291 -35.05 31.98 -32.60
C TYR A 291 -35.75 33.30 -32.30
N ASP A 292 -37.07 33.31 -32.44
CA ASP A 292 -37.85 34.47 -32.01
C ASP A 292 -37.66 34.69 -30.50
N ASP A 293 -38.08 35.85 -30.02
CA ASP A 293 -37.90 36.18 -28.61
C ASP A 293 -38.64 35.21 -27.71
N GLU A 294 -39.87 34.88 -28.08
CA GLU A 294 -40.71 34.07 -27.22
C GLU A 294 -40.22 32.63 -27.17
N SER A 295 -39.81 32.10 -28.31
CA SER A 295 -39.44 30.71 -28.39
C SER A 295 -38.15 30.52 -27.62
N TRP A 296 -37.43 31.61 -27.47
CA TRP A 296 -36.19 31.58 -26.74
C TRP A 296 -36.46 31.48 -25.24
N LYS A 297 -37.39 32.23 -24.72
CA LYS A 297 -37.59 32.13 -23.32
C LYS A 297 -37.98 30.73 -22.97
N GLU A 298 -38.86 30.10 -23.70
CA GLU A 298 -39.26 28.77 -23.33
C GLU A 298 -38.12 27.80 -23.29
N VAL A 299 -37.26 27.80 -24.29
CA VAL A 299 -36.09 26.95 -24.26
C VAL A 299 -35.12 27.34 -23.14
N ARG A 300 -34.98 28.64 -22.91
CA ARG A 300 -34.06 29.12 -21.88
C ARG A 300 -34.58 28.74 -20.50
N ASP A 301 -35.88 28.51 -20.39
CA ASP A 301 -36.46 28.15 -19.10
C ASP A 301 -36.56 26.64 -18.93
N ARG A 302 -36.72 25.90 -20.03
CA ARG A 302 -36.88 24.46 -19.94
C ARG A 302 -35.57 23.89 -19.46
N TYR A 303 -34.51 24.36 -20.07
CA TYR A 303 -33.18 24.03 -19.70
C TYR A 303 -32.79 25.32 -19.03
N SER A 304 -31.76 25.34 -18.22
CA SER A 304 -31.48 26.62 -17.63
C SER A 304 -30.34 27.29 -18.33
N LEU A 305 -30.70 28.23 -19.18
CA LEU A 305 -29.78 28.88 -20.11
C LEU A 305 -29.42 30.32 -19.73
N ARG A 306 -28.12 30.56 -19.56
CA ARG A 306 -27.61 31.89 -19.25
C ARG A 306 -28.35 32.96 -20.08
N ARG A 307 -28.98 33.91 -19.43
CA ARG A 307 -29.92 34.80 -20.07
C ARG A 307 -29.32 35.57 -21.21
N ASN A 308 -28.02 35.76 -21.21
CA ASN A 308 -27.39 36.54 -22.26
C ASN A 308 -27.11 35.73 -23.48
N LEU A 309 -27.39 34.45 -23.44
CA LEU A 309 -27.00 33.66 -24.57
C LEU A 309 -27.61 34.09 -25.87
N ILE A 310 -28.89 34.36 -25.84
CA ILE A 310 -29.64 34.66 -27.06
C ILE A 310 -29.14 35.93 -27.76
N ASN A 311 -28.54 36.82 -27.00
CA ASN A 311 -27.88 37.99 -27.57
C ASN A 311 -26.59 37.55 -28.26
N GLU A 312 -25.82 36.70 -27.60
CA GLU A 312 -24.53 36.28 -28.14
C GLU A 312 -24.71 35.50 -29.45
N ILE A 313 -25.71 34.63 -29.48
CA ILE A 313 -26.05 33.93 -30.69
C ILE A 313 -26.47 34.97 -31.72
N ARG A 314 -27.36 35.86 -31.32
CA ARG A 314 -27.91 36.83 -32.25
C ARG A 314 -26.81 37.69 -32.84
N HIS A 315 -25.73 37.83 -32.09
CA HIS A 315 -24.56 38.55 -32.59
C HIS A 315 -23.97 37.80 -33.77
N VAL A 316 -23.77 36.50 -33.61
CA VAL A 316 -23.11 35.70 -34.64
C VAL A 316 -23.97 35.54 -35.89
N GLU A 317 -25.26 35.28 -35.71
CA GLU A 317 -26.12 35.07 -36.85
C GLU A 317 -26.31 36.37 -37.64
N LYS A 318 -26.11 37.50 -36.98
CA LYS A 318 -26.25 38.80 -37.63
C LYS A 318 -25.00 39.24 -38.39
N SER A 319 -23.84 38.98 -37.81
CA SER A 319 -22.59 39.42 -38.41
C SER A 319 -21.93 38.39 -39.34
N ALA A 320 -22.49 37.20 -39.44
CA ALA A 320 -21.84 36.13 -40.20
C ALA A 320 -21.59 36.44 -41.68
N PRO A 321 -22.59 37.02 -42.38
CA PRO A 321 -22.35 37.36 -43.78
C PRO A 321 -21.24 38.39 -43.87
N ALA A 322 -21.22 39.37 -42.97
CA ALA A 322 -20.15 40.37 -42.99
C ALA A 322 -18.78 39.71 -42.81
N LEU A 323 -18.70 38.79 -41.86
CA LEU A 323 -17.47 38.05 -41.62
C LEU A 323 -17.03 37.38 -42.92
N LEU A 324 -17.83 36.43 -43.39
CA LEU A 324 -17.63 35.79 -44.68
C LEU A 324 -17.07 36.80 -45.68
N GLU A 325 -17.81 37.89 -45.89
CA GLU A 325 -17.42 38.92 -46.83
C GLU A 325 -16.04 39.47 -46.60
N MET A 326 -15.73 39.90 -45.37
CA MET A 326 -14.38 40.36 -45.02
C MET A 326 -13.34 39.29 -45.31
N LEU A 327 -13.65 38.06 -44.97
CA LEU A 327 -12.70 37.00 -45.20
C LEU A 327 -12.34 36.95 -46.68
N SER A 328 -13.30 36.66 -47.57
CA SER A 328 -13.04 36.86 -49.00
C SER A 328 -12.59 38.29 -49.04
N GLU A 329 -11.81 38.70 -50.01
CA GLU A 329 -11.41 40.08 -49.91
C GLU A 329 -10.63 40.22 -48.65
N ARG A 330 -9.49 39.58 -48.53
CA ARG A 330 -8.83 39.60 -47.25
C ARG A 330 -8.72 41.02 -46.80
N VAL A 331 -9.14 41.31 -45.59
CA VAL A 331 -9.13 42.68 -45.12
C VAL A 331 -8.31 42.89 -43.90
N PRO A 332 -8.21 44.15 -43.53
CA PRO A 332 -7.43 44.54 -42.35
C PRO A 332 -7.99 43.92 -41.06
N ALA A 333 -7.14 43.24 -40.29
CA ALA A 333 -7.58 42.58 -39.07
C ALA A 333 -8.50 43.46 -38.24
N SER A 334 -8.20 44.76 -38.21
CA SER A 334 -8.95 45.72 -37.40
C SER A 334 -10.44 45.78 -37.72
N PHE A 335 -10.81 45.26 -38.89
CA PHE A 335 -12.20 45.33 -39.34
C PHE A 335 -13.04 44.25 -38.67
N VAL A 336 -12.42 43.13 -38.31
CA VAL A 336 -13.13 42.01 -37.72
C VAL A 336 -13.10 42.09 -36.18
N TYR A 337 -12.21 42.93 -35.67
CA TYR A 337 -12.05 43.06 -34.23
C TYR A 337 -13.38 43.27 -33.50
N PRO A 338 -14.19 44.24 -33.95
CA PRO A 338 -15.48 44.53 -33.31
C PRO A 338 -16.39 43.32 -33.22
N LEU A 339 -16.24 42.38 -34.15
CA LEU A 339 -17.10 41.20 -34.21
C LEU A 339 -16.70 40.11 -33.20
N VAL A 340 -15.44 40.06 -32.85
CA VAL A 340 -14.96 39.10 -31.88
C VAL A 340 -14.61 39.75 -30.54
N LYS A 341 -15.12 40.94 -30.29
CA LYS A 341 -14.82 41.67 -29.08
C LYS A 341 -15.35 41.03 -27.84
N GLY A 342 -14.51 40.65 -26.90
CA GLY A 342 -15.06 40.21 -25.63
C GLY A 342 -16.19 39.22 -25.75
N VAL A 343 -15.93 38.13 -26.48
CA VAL A 343 -16.92 37.09 -26.77
C VAL A 343 -16.50 35.72 -26.28
N SER A 344 -17.48 34.90 -25.97
CA SER A 344 -17.21 33.62 -25.35
C SER A 344 -16.52 32.70 -26.29
N ASN A 345 -15.94 31.62 -25.80
CA ASN A 345 -15.24 30.71 -26.70
C ASN A 345 -16.24 30.04 -27.58
N GLU A 346 -17.47 29.95 -27.08
CA GLU A 346 -18.57 29.46 -27.87
C GLU A 346 -18.96 30.42 -28.98
N THR A 347 -18.84 31.73 -28.73
CA THR A 347 -19.11 32.67 -29.82
C THR A 347 -18.09 32.43 -30.93
N ILE A 348 -16.84 32.28 -30.56
CA ILE A 348 -15.78 31.96 -31.49
C ILE A 348 -16.03 30.64 -32.22
N CYS A 349 -16.46 29.62 -31.48
CA CYS A 349 -16.79 28.33 -32.10
C CYS A 349 -17.90 28.53 -33.12
N HIS A 350 -18.93 29.25 -32.71
CA HIS A 350 -20.09 29.53 -33.54
C HIS A 350 -19.67 30.27 -34.81
N PHE A 351 -18.77 31.25 -34.69
CA PHE A 351 -18.23 31.87 -35.90
C PHE A 351 -17.57 30.83 -36.79
N LEU A 352 -16.69 30.04 -36.22
CA LEU A 352 -15.99 29.00 -36.96
C LEU A 352 -16.98 28.00 -37.57
N ALA A 353 -18.19 27.90 -37.10
CA ALA A 353 -19.14 26.94 -37.63
C ALA A 353 -19.47 27.28 -39.04
N TYR A 354 -19.21 28.51 -39.40
CA TYR A 354 -19.62 29.04 -40.69
C TYR A 354 -18.58 28.83 -41.78
N LEU A 355 -17.36 28.47 -41.39
CA LEU A 355 -16.34 28.30 -42.42
C LEU A 355 -15.53 27.02 -42.43
N SER A 356 -14.89 26.80 -43.57
CA SER A 356 -14.06 25.64 -43.82
C SER A 356 -12.88 26.15 -44.65
N GLY A 357 -12.00 25.23 -45.06
CA GLY A 357 -10.88 25.56 -45.91
C GLY A 357 -10.24 26.92 -45.68
N GLU A 358 -9.88 27.58 -46.79
CA GLU A 358 -9.10 28.82 -46.75
C GLU A 358 -9.66 29.87 -45.80
N LYS A 359 -10.94 30.16 -45.93
CA LYS A 359 -11.59 31.09 -45.01
C LYS A 359 -11.34 30.73 -43.55
N GLU A 360 -11.50 29.44 -43.22
CA GLU A 360 -11.39 28.96 -41.85
C GLU A 360 -10.05 29.34 -41.23
N GLY A 361 -8.97 28.96 -41.91
CA GLY A 361 -7.65 29.24 -41.39
C GLY A 361 -7.36 30.72 -41.36
N LEU A 362 -7.82 31.39 -42.38
CA LEU A 362 -7.67 32.83 -42.47
C LEU A 362 -8.25 33.50 -41.23
N PHE A 363 -9.49 33.15 -40.87
CA PHE A 363 -10.15 33.72 -39.69
C PHE A 363 -9.45 33.27 -38.42
N LYS A 364 -8.92 32.05 -38.43
CA LYS A 364 -8.09 31.63 -37.33
C LYS A 364 -6.94 32.63 -37.10
N SER A 365 -6.13 32.88 -38.12
CA SER A 365 -5.00 33.76 -37.95
C SER A 365 -5.40 35.14 -37.40
N TYR A 366 -6.53 35.68 -37.83
CA TYR A 366 -7.04 36.94 -37.28
C TYR A 366 -7.22 36.84 -35.79
N LEU A 367 -7.88 35.76 -35.38
CA LEU A 367 -8.20 35.48 -33.98
C LEU A 367 -6.93 35.46 -33.13
N LEU A 368 -5.90 34.78 -33.63
CA LEU A 368 -4.62 34.74 -32.96
C LEU A 368 -4.02 36.13 -32.90
N LYS A 369 -3.96 36.79 -34.07
CA LYS A 369 -3.43 38.13 -34.17
C LYS A 369 -4.09 39.00 -33.12
N ILE A 370 -5.38 38.83 -32.91
CA ILE A 370 -6.09 39.55 -31.85
C ILE A 370 -5.75 39.14 -30.43
N LYS A 371 -5.63 37.84 -30.18
CA LYS A 371 -5.29 37.35 -28.86
C LYS A 371 -3.92 37.84 -28.44
N ASN A 372 -2.95 37.56 -29.28
CA ASN A 372 -1.55 37.87 -29.06
C ASN A 372 -1.10 39.32 -29.10
N THR A 373 -1.73 40.10 -29.96
CA THR A 373 -1.26 41.43 -30.22
C THR A 373 -2.03 42.48 -29.46
N LYS A 374 -2.50 42.11 -28.29
CA LYS A 374 -3.26 43.01 -27.42
C LYS A 374 -2.23 43.93 -26.77
N LEU A 375 -1.01 43.82 -27.25
CA LEU A 375 0.08 44.46 -26.58
C LEU A 375 0.14 45.92 -26.84
N GLU A 376 -0.34 46.66 -25.85
CA GLU A 376 -0.21 48.11 -25.87
C GLU A 376 1.14 48.53 -25.28
N LYS A 377 1.81 47.60 -24.66
CA LYS A 377 3.17 47.85 -24.26
C LYS A 377 3.40 49.15 -23.52
N ILE A 378 4.42 49.86 -23.98
CA ILE A 378 4.87 51.09 -23.34
C ILE A 378 3.72 52.00 -22.88
N ASN A 379 2.81 52.32 -23.79
CA ASN A 379 1.67 53.14 -23.42
C ASN A 379 0.89 52.40 -22.35
N GLY A 380 0.46 53.12 -21.32
CA GLY A 380 -0.26 52.52 -20.22
C GLY A 380 -1.31 53.44 -19.64
N GLU A 381 -2.04 54.13 -20.48
CA GLU A 381 -3.19 54.84 -20.00
C GLU A 381 -2.78 56.05 -19.18
N TYR A 382 -1.51 56.17 -18.83
CA TYR A 382 -1.15 57.36 -18.08
C TYR A 382 -1.20 58.60 -18.97
N LEU A 383 -0.57 58.54 -20.10
CA LEU A 383 -0.48 59.73 -20.90
C LEU A 383 -1.86 60.32 -21.04
N ILE A 384 -2.86 59.46 -21.11
CA ILE A 384 -4.24 59.90 -21.30
C ILE A 384 -4.90 60.79 -20.25
N ARG A 385 -4.76 60.43 -18.98
CA ARG A 385 -5.31 61.27 -17.92
C ARG A 385 -4.24 62.19 -17.33
N LYS A 386 -3.05 62.15 -17.92
CA LYS A 386 -2.04 63.18 -17.74
C LYS A 386 -2.46 64.41 -18.54
N GLY A 387 -2.78 64.20 -19.82
CA GLY A 387 -3.46 65.22 -20.61
C GLY A 387 -4.92 65.27 -20.18
N ILE A 388 -5.70 66.27 -20.56
CA ILE A 388 -7.04 66.30 -19.98
C ILE A 388 -8.02 65.34 -20.59
N THR A 389 -8.69 64.57 -19.74
CA THR A 389 -9.68 63.67 -20.22
C THR A 389 -10.70 63.27 -19.18
N SER A 390 -11.88 62.95 -19.67
CA SER A 390 -12.91 62.37 -18.85
C SER A 390 -13.69 61.25 -19.54
N GLY A 391 -13.84 60.15 -18.82
CA GLY A 391 -14.73 59.10 -19.25
C GLY A 391 -14.60 58.37 -20.55
N LYS A 392 -15.71 58.39 -21.28
CA LYS A 392 -15.81 57.65 -22.51
C LYS A 392 -14.76 57.99 -23.53
N ILE A 393 -14.37 59.25 -23.56
CA ILE A 393 -13.33 59.65 -24.47
C ILE A 393 -12.04 58.92 -24.14
N ILE A 394 -11.74 58.78 -22.86
CA ILE A 394 -10.54 58.02 -22.51
C ILE A 394 -10.52 56.70 -23.27
N GLY A 395 -11.64 55.98 -23.21
CA GLY A 395 -11.70 54.63 -23.73
C GLY A 395 -11.94 54.49 -25.23
N GLU A 396 -12.04 55.61 -25.92
CA GLU A 396 -12.21 55.63 -27.38
C GLU A 396 -10.89 55.96 -28.07
N VAL A 397 -10.08 56.79 -27.42
CA VAL A 397 -8.73 57.04 -27.91
C VAL A 397 -7.92 55.75 -27.73
N LEU A 398 -8.16 55.07 -26.62
CA LEU A 398 -7.47 53.83 -26.31
C LEU A 398 -7.78 52.73 -27.31
N GLU A 399 -8.96 52.80 -27.92
CA GLU A 399 -9.41 51.80 -28.89
C GLU A 399 -8.80 52.05 -30.28
N LYS A 400 -8.67 53.32 -30.64
CA LYS A 400 -8.12 53.70 -31.93
C LYS A 400 -6.61 53.45 -31.98
N ILE A 401 -5.95 53.58 -30.84
CA ILE A 401 -4.56 53.21 -30.74
C ILE A 401 -4.46 51.72 -31.03
N LEU A 402 -5.27 50.94 -30.31
CA LEU A 402 -5.30 49.48 -30.42
C LEU A 402 -5.37 48.94 -31.84
N MET A 403 -6.29 49.47 -32.64
CA MET A 403 -6.50 48.99 -34.02
C MET A 403 -5.26 49.20 -34.88
N LYS A 404 -4.81 50.45 -34.93
CA LYS A 404 -3.65 50.84 -35.73
C LYS A 404 -2.52 49.82 -35.60
N LYS A 405 -2.32 49.28 -34.40
CA LYS A 405 -1.34 48.24 -34.17
C LYS A 405 -1.63 46.95 -34.93
N LEU A 406 -2.82 46.39 -34.72
CA LEU A 406 -3.24 45.16 -35.38
C LEU A 406 -2.76 45.06 -36.82
N ASP A 407 -3.06 46.09 -37.63
CA ASP A 407 -2.74 46.07 -39.07
C ASP A 407 -1.30 46.38 -39.50
N GLY A 408 -0.78 47.54 -39.09
CA GLY A 408 0.63 47.86 -39.19
C GLY A 408 1.08 48.40 -37.85
N ASP A 409 1.88 49.46 -37.85
CA ASP A 409 2.28 50.11 -36.62
C ASP A 409 2.93 51.47 -36.85
N THR A 410 2.97 52.28 -35.79
CA THR A 410 3.66 53.57 -35.74
C THR A 410 4.65 53.35 -34.61
N ARG A 411 5.15 54.41 -34.01
CA ARG A 411 6.08 54.23 -32.93
C ARG A 411 5.36 54.76 -31.75
N ASP A 412 5.64 54.19 -30.58
CA ASP A 412 5.01 54.62 -29.36
C ASP A 412 3.74 55.46 -29.55
N GLU A 413 3.84 56.73 -29.91
CA GLU A 413 2.61 57.52 -29.98
C GLU A 413 2.45 58.52 -31.11
N GLU A 414 3.19 58.39 -32.18
CA GLU A 414 2.95 59.32 -33.25
C GLU A 414 1.52 59.02 -33.54
N GLU A 415 1.24 57.74 -33.44
CA GLU A 415 -0.09 57.24 -33.72
C GLU A 415 -1.10 57.79 -32.71
N ILE A 416 -0.64 58.10 -31.50
CA ILE A 416 -1.50 58.69 -30.48
C ILE A 416 -1.90 60.11 -30.86
N LEU A 417 -0.91 60.94 -31.17
CA LEU A 417 -1.20 62.29 -31.62
C LEU A 417 -1.77 62.29 -33.06
N GLU A 418 -1.55 61.20 -33.79
CA GLU A 418 -2.17 61.01 -35.11
C GLU A 418 -3.70 61.05 -35.05
N GLU A 419 -4.28 60.46 -34.01
CA GLU A 419 -5.74 60.34 -33.90
C GLU A 419 -6.39 61.32 -32.92
N VAL A 420 -5.59 62.01 -32.11
CA VAL A 420 -6.13 63.13 -31.33
C VAL A 420 -6.19 64.35 -32.23
N LEU A 421 -5.49 64.28 -33.36
CA LEU A 421 -5.45 65.39 -34.31
C LEU A 421 -6.13 64.99 -35.61
N ALA A 422 -6.46 63.71 -35.73
CA ALA A 422 -7.29 63.23 -36.82
C ALA A 422 -8.74 63.21 -36.37
N SER A 423 -8.95 62.90 -35.10
CA SER A 423 -10.29 62.90 -34.53
C SER A 423 -10.66 64.30 -34.04
N LEU A 424 -9.64 65.12 -33.86
CA LEU A 424 -9.87 66.51 -33.53
C LEU A 424 -10.55 67.12 -34.75
N GLU A 425 -10.06 66.73 -35.92
CA GLU A 425 -10.55 67.22 -37.21
C GLU A 425 -10.80 68.74 -37.21
N MET B 1 -12.64 -35.47 21.98
CA MET B 1 -11.98 -34.18 21.94
C MET B 1 -12.40 -33.44 20.70
N GLN B 2 -12.56 -32.12 20.84
CA GLN B 2 -13.03 -31.31 19.74
C GLN B 2 -11.89 -30.81 18.86
N ILE B 3 -11.99 -31.12 17.59
CA ILE B 3 -10.97 -30.75 16.65
C ILE B 3 -11.19 -29.47 15.94
N PHE B 4 -12.43 -29.16 15.65
CA PHE B 4 -12.73 -27.97 14.87
C PHE B 4 -13.42 -26.94 15.71
N ARG B 5 -12.98 -25.69 15.55
CA ARG B 5 -13.60 -24.56 16.20
C ARG B 5 -13.58 -23.44 15.19
N ASP B 6 -14.31 -22.36 15.44
CA ASP B 6 -14.39 -21.28 14.47
C ASP B 6 -13.83 -19.93 14.94
N VAL B 7 -12.53 -19.73 14.71
CA VAL B 7 -11.83 -18.54 15.16
C VAL B 7 -11.87 -17.36 14.17
N SER B 8 -12.81 -17.38 13.22
CA SER B 8 -12.91 -16.30 12.25
C SER B 8 -13.22 -14.92 12.87
N LYS B 9 -14.09 -14.90 13.86
CA LYS B 9 -14.43 -13.64 14.52
C LYS B 9 -13.16 -13.09 15.21
N LEU B 10 -12.43 -14.00 15.84
CA LEU B 10 -11.20 -13.67 16.51
C LEU B 10 -10.16 -13.14 15.53
N LEU B 11 -10.21 -13.61 14.29
CA LEU B 11 -9.31 -13.14 13.24
C LEU B 11 -9.53 -11.68 12.85
N VAL B 12 -10.79 -11.27 12.63
CA VAL B 12 -11.02 -9.89 12.19
C VAL B 12 -10.77 -8.96 13.35
N GLU B 13 -10.97 -9.47 14.55
CA GLU B 13 -10.82 -8.67 15.76
C GLU B 13 -9.36 -8.49 16.12
N ARG B 14 -8.53 -9.50 15.86
CA ARG B 14 -7.15 -9.44 16.35
C ARG B 14 -6.08 -9.14 15.28
N VAL B 15 -6.26 -9.66 14.07
CA VAL B 15 -5.26 -9.46 13.03
C VAL B 15 -5.37 -8.12 12.33
N ASP B 16 -4.21 -7.57 12.01
CA ASP B 16 -4.13 -6.33 11.24
C ASP B 16 -4.83 -6.49 9.88
N PRO B 17 -5.57 -5.45 9.45
CA PRO B 17 -6.32 -5.53 8.18
C PRO B 17 -5.49 -5.85 6.93
N LYS B 18 -4.34 -5.20 6.73
CA LYS B 18 -3.45 -5.59 5.65
C LYS B 18 -3.23 -7.10 5.65
N ILE B 19 -2.93 -7.67 6.81
CA ILE B 19 -2.74 -9.10 6.91
C ILE B 19 -3.97 -9.96 6.74
N LEU B 20 -5.06 -9.60 7.39
CA LEU B 20 -6.32 -10.27 7.13
C LEU B 20 -6.59 -10.37 5.65
N ASN B 21 -6.51 -9.24 4.96
CA ASN B 21 -6.79 -9.21 3.52
C ASN B 21 -5.86 -10.13 2.75
N LEU B 22 -4.65 -10.29 3.27
CA LEU B 22 -3.70 -11.26 2.75
C LEU B 22 -4.26 -12.66 2.93
N PHE B 23 -4.67 -12.95 4.15
CA PHE B 23 -5.20 -14.27 4.48
C PHE B 23 -6.38 -14.62 3.59
N ARG B 24 -7.32 -13.69 3.45
CA ARG B 24 -8.47 -13.89 2.55
C ARG B 24 -8.03 -14.09 1.11
N LEU B 25 -7.07 -13.30 0.66
CA LEU B 25 -6.61 -13.44 -0.72
C LEU B 25 -5.97 -14.80 -0.92
N LEU B 26 -5.07 -15.16 0.00
CA LEU B 26 -4.39 -16.45 -0.06
C LEU B 26 -5.36 -17.64 -0.08
N GLY B 27 -6.33 -17.63 0.83
CA GLY B 27 -7.34 -18.67 0.79
C GLY B 27 -8.01 -18.70 -0.57
N LYS B 28 -8.37 -17.51 -1.06
CA LYS B 28 -9.06 -17.37 -2.34
C LYS B 28 -8.21 -17.96 -3.49
N PHE B 29 -6.90 -17.71 -3.47
CA PHE B 29 -6.02 -18.28 -4.48
C PHE B 29 -6.04 -19.80 -4.48
N GLY B 30 -5.97 -20.39 -3.29
CA GLY B 30 -5.97 -21.82 -3.18
C GLY B 30 -7.17 -22.38 -3.92
N ASP B 31 -8.33 -21.78 -3.69
CA ASP B 31 -9.55 -22.24 -4.31
C ASP B 31 -9.44 -22.18 -5.84
N GLU B 32 -8.74 -21.16 -6.33
CA GLU B 32 -8.55 -20.96 -7.76
C GLU B 32 -7.59 -21.99 -8.38
N VAL B 33 -6.68 -22.54 -7.58
CA VAL B 33 -5.74 -23.52 -8.10
C VAL B 33 -5.96 -24.89 -7.47
N ASN B 34 -7.13 -25.08 -6.88
CA ASN B 34 -7.49 -26.33 -6.23
C ASN B 34 -6.50 -26.82 -5.14
N MET B 35 -6.10 -25.91 -4.26
CA MET B 35 -5.26 -26.28 -3.13
C MET B 35 -5.83 -25.75 -1.79
N PRO B 36 -6.06 -26.66 -0.85
CA PRO B 36 -6.34 -26.34 0.55
C PRO B 36 -5.20 -25.52 1.13
N VAL B 37 -5.54 -24.45 1.85
CA VAL B 37 -4.53 -23.52 2.34
C VAL B 37 -4.67 -23.25 3.84
N TYR B 38 -3.63 -23.50 4.61
CA TYR B 38 -3.71 -23.27 6.04
C TYR B 38 -2.62 -22.29 6.51
N VAL B 39 -2.88 -21.62 7.61
CA VAL B 39 -1.85 -20.88 8.31
C VAL B 39 -1.60 -21.72 9.55
N VAL B 40 -0.32 -21.90 9.88
CA VAL B 40 0.06 -22.88 10.86
C VAL B 40 1.15 -22.37 11.75
N GLY B 41 1.49 -23.16 12.76
CA GLY B 41 2.59 -22.83 13.63
C GLY B 41 2.25 -21.82 14.69
N GLY B 42 3.19 -20.94 14.95
CA GLY B 42 3.13 -20.07 16.11
C GLY B 42 2.14 -18.95 15.95
N PHE B 43 1.84 -18.55 14.72
CA PHE B 43 0.82 -17.53 14.54
C PHE B 43 -0.48 -17.98 15.20
N VAL B 44 -0.90 -19.22 14.93
CA VAL B 44 -2.13 -19.76 15.51
C VAL B 44 -2.07 -19.77 17.03
N ARG B 45 -0.96 -20.26 17.57
CA ARG B 45 -0.72 -20.17 19.01
C ARG B 45 -0.83 -18.74 19.54
N ASP B 46 -0.18 -17.80 18.87
CA ASP B 46 -0.12 -16.42 19.36
C ASP B 46 -1.45 -15.67 19.26
N LEU B 47 -2.13 -15.83 18.13
CA LEU B 47 -3.50 -15.34 17.97
C LEU B 47 -4.33 -15.74 19.18
N LEU B 48 -4.47 -17.04 19.39
CA LEU B 48 -5.20 -17.61 20.52
C LEU B 48 -4.80 -17.09 21.90
N LEU B 49 -3.58 -16.58 22.00
CA LEU B 49 -3.04 -16.13 23.27
C LEU B 49 -3.07 -14.62 23.37
N GLY B 50 -3.50 -13.97 22.30
CA GLY B 50 -3.57 -12.53 22.28
C GLY B 50 -2.22 -11.89 22.00
N ILE B 51 -1.24 -12.73 21.72
CA ILE B 51 0.12 -12.24 21.45
C ILE B 51 0.31 -11.81 20.01
N LYS B 52 0.96 -10.66 19.81
CA LYS B 52 1.21 -10.19 18.45
C LYS B 52 2.07 -11.15 17.67
N ASN B 53 1.79 -11.27 16.39
CA ASN B 53 2.58 -12.14 15.55
C ASN B 53 2.42 -11.76 14.08
N LEU B 54 3.54 -11.56 13.41
CA LEU B 54 3.52 -11.18 12.00
C LEU B 54 3.90 -12.35 11.11
N ASP B 55 4.49 -13.38 11.66
CA ASP B 55 4.88 -14.48 10.81
C ASP B 55 3.71 -14.96 9.99
N ILE B 56 3.90 -15.11 8.70
CA ILE B 56 2.86 -15.66 7.89
C ILE B 56 3.43 -16.96 7.49
N ASP B 57 3.02 -18.00 8.16
CA ASP B 57 3.52 -19.34 7.88
C ASP B 57 2.43 -20.16 7.20
N ILE B 58 2.60 -20.47 5.94
CA ILE B 58 1.56 -21.14 5.21
C ILE B 58 1.91 -22.49 4.70
N VAL B 59 0.91 -23.37 4.73
CA VAL B 59 1.04 -24.73 4.24
C VAL B 59 -0.11 -24.96 3.26
N VAL B 60 0.18 -25.55 2.11
CA VAL B 60 -0.85 -25.84 1.12
C VAL B 60 -0.83 -27.31 0.77
N GLU B 61 -1.97 -27.87 0.43
CA GLU B 61 -2.01 -29.22 -0.11
C GLU B 61 -1.97 -29.20 -1.62
N GLY B 62 -0.78 -29.13 -2.20
CA GLY B 62 -0.68 -29.10 -3.64
C GLY B 62 0.69 -28.95 -4.25
N ASN B 63 1.42 -27.92 -3.85
CA ASN B 63 2.71 -27.59 -4.44
C ASN B 63 3.21 -26.19 -4.19
N ALA B 64 3.78 -25.97 -3.04
CA ALA B 64 4.26 -24.65 -2.64
C ALA B 64 4.64 -23.77 -3.82
N LEU B 65 5.49 -24.27 -4.72
CA LEU B 65 5.99 -23.44 -5.80
C LEU B 65 4.89 -23.00 -6.79
N GLU B 66 4.09 -23.93 -7.29
CA GLU B 66 3.01 -23.57 -8.22
C GLU B 66 2.08 -22.59 -7.54
N PHE B 67 1.81 -22.83 -6.27
CA PHE B 67 0.98 -21.92 -5.52
C PHE B 67 1.67 -20.56 -5.43
N ALA B 68 2.87 -20.53 -4.87
CA ALA B 68 3.60 -19.29 -4.66
C ALA B 68 3.74 -18.54 -5.97
N GLU B 69 3.90 -19.27 -7.06
CA GLU B 69 3.94 -18.66 -8.37
C GLU B 69 2.62 -18.05 -8.74
N TYR B 70 1.54 -18.80 -8.56
CA TYR B 70 0.21 -18.24 -8.78
C TYR B 70 -0.06 -17.01 -7.94
N ALA B 71 0.27 -17.04 -6.65
CA ALA B 71 0.02 -15.87 -5.81
C ALA B 71 0.82 -14.65 -6.27
N LYS B 72 2.03 -14.87 -6.80
CA LYS B 72 2.87 -13.74 -7.18
C LYS B 72 2.27 -12.89 -8.30
N ARG B 73 1.40 -13.48 -9.11
CA ARG B 73 0.79 -12.71 -10.19
C ARG B 73 0.01 -11.54 -9.62
N PHE B 74 -0.42 -11.67 -8.37
CA PHE B 74 -1.36 -10.73 -7.79
C PHE B 74 -0.80 -10.02 -6.58
N LEU B 75 0.43 -10.36 -6.21
CA LEU B 75 1.07 -9.78 -5.04
C LEU B 75 2.51 -9.31 -5.34
N PRO B 76 2.78 -8.03 -5.09
CA PRO B 76 4.05 -7.40 -5.45
C PRO B 76 5.21 -7.84 -4.58
N GLY B 77 6.16 -8.58 -5.13
CA GLY B 77 7.34 -8.89 -4.35
C GLY B 77 8.31 -9.89 -4.91
N LYS B 78 9.45 -10.04 -4.25
CA LYS B 78 10.43 -11.01 -4.68
C LYS B 78 9.99 -12.42 -4.31
N LEU B 79 10.09 -13.33 -5.28
CA LEU B 79 9.80 -14.73 -5.04
C LEU B 79 11.07 -15.56 -4.99
N VAL B 80 11.52 -15.86 -3.76
CA VAL B 80 12.62 -16.78 -3.54
C VAL B 80 12.00 -18.17 -3.48
N LYS B 81 12.57 -19.13 -4.17
CA LYS B 81 12.02 -20.46 -4.12
C LYS B 81 13.03 -21.44 -3.59
N HIS B 82 12.69 -22.10 -2.50
CA HIS B 82 13.59 -23.09 -1.95
C HIS B 82 13.30 -24.39 -2.66
N ASP B 83 13.52 -24.35 -3.96
CA ASP B 83 13.26 -25.48 -4.88
C ASP B 83 13.58 -26.87 -4.34
N LYS B 84 14.68 -27.06 -3.63
CA LYS B 84 14.84 -28.36 -3.03
C LYS B 84 13.87 -28.45 -1.86
N PHE B 85 13.17 -29.55 -1.73
CA PHE B 85 12.24 -29.64 -0.62
C PHE B 85 10.99 -28.75 -0.72
N MET B 86 10.74 -28.21 -1.90
CA MET B 86 9.48 -27.55 -2.21
C MET B 86 8.91 -26.48 -1.30
N THR B 87 9.63 -25.42 -1.05
CA THR B 87 9.16 -24.36 -0.19
C THR B 87 9.34 -23.10 -1.00
N ALA B 88 8.74 -22.01 -0.56
CA ALA B 88 8.99 -20.72 -1.17
C ALA B 88 8.82 -19.60 -0.14
N SER B 89 9.19 -18.40 -0.56
CA SER B 89 8.99 -17.19 0.23
C SER B 89 8.57 -16.05 -0.69
N LEU B 90 7.46 -15.39 -0.34
CA LEU B 90 7.00 -14.23 -1.09
C LEU B 90 7.39 -12.99 -0.29
N PHE B 91 8.24 -12.14 -0.85
CA PHE B 91 8.74 -11.00 -0.10
C PHE B 91 7.97 -9.70 -0.35
N LEU B 92 7.53 -9.09 0.74
CA LEU B 92 6.77 -7.84 0.73
C LEU B 92 7.33 -6.91 1.81
N LYS B 93 6.85 -5.67 1.84
CA LYS B 93 7.39 -4.63 2.73
C LYS B 93 6.86 -4.69 4.16
N GLY B 94 7.32 -3.76 5.00
CA GLY B 94 6.93 -3.73 6.40
C GLY B 94 7.67 -4.74 7.26
N GLY B 95 8.60 -5.49 6.63
CA GLY B 95 9.32 -6.56 7.31
C GLY B 95 8.57 -7.87 7.12
N LEU B 96 7.81 -7.92 6.03
CA LEU B 96 6.74 -8.89 5.89
C LEU B 96 7.01 -9.87 4.76
N ARG B 97 7.10 -11.16 5.08
CA ARG B 97 7.14 -12.12 4.00
C ARG B 97 6.44 -13.45 4.31
N ILE B 98 5.95 -14.05 3.23
CA ILE B 98 5.07 -15.19 3.29
C ILE B 98 5.87 -16.45 3.04
N ASP B 99 5.91 -17.33 4.03
CA ASP B 99 6.56 -18.61 3.86
C ASP B 99 5.53 -19.66 3.47
N ILE B 100 5.68 -20.25 2.29
CA ILE B 100 4.75 -21.26 1.80
C ILE B 100 5.43 -22.62 1.64
N ALA B 101 4.85 -23.67 2.23
CA ALA B 101 5.39 -25.02 2.06
C ALA B 101 4.31 -26.01 1.70
N THR B 102 4.74 -27.20 1.32
CA THR B 102 3.81 -28.20 0.86
C THR B 102 3.43 -29.09 2.02
N ALA B 103 2.14 -29.27 2.22
CA ALA B 103 1.67 -30.24 3.20
C ALA B 103 2.09 -31.59 2.67
N ARG B 104 3.11 -32.09 3.33
CA ARG B 104 3.74 -33.34 3.00
C ARG B 104 2.72 -34.44 2.87
N LEU B 105 3.06 -35.42 2.03
CA LEU B 105 2.42 -36.30 1.11
C LEU B 105 0.94 -36.40 1.39
N GLU B 118 -8.49 -37.90 2.05
CA GLU B 118 -9.15 -36.84 2.79
C GLU B 118 -8.23 -35.63 2.86
N MET B 119 -8.81 -34.42 2.88
CA MET B 119 -8.04 -33.19 2.99
C MET B 119 -7.06 -33.26 4.16
N SER B 120 -7.31 -34.17 5.08
CA SER B 120 -6.56 -34.22 6.33
C SER B 120 -5.20 -34.98 6.22
N THR B 121 -4.44 -34.49 5.25
CA THR B 121 -3.02 -34.72 5.04
C THR B 121 -2.28 -33.67 5.84
N ILE B 122 -2.98 -32.61 6.21
CA ILE B 122 -2.42 -31.59 7.09
C ILE B 122 -2.20 -32.26 8.42
N LYS B 123 -3.02 -33.26 8.72
CA LYS B 123 -2.85 -33.97 9.97
C LYS B 123 -1.45 -34.54 10.01
N LYS B 124 -1.08 -35.29 8.98
CA LYS B 124 0.28 -35.82 8.91
C LYS B 124 1.30 -34.68 9.05
N ASP B 125 1.09 -33.57 8.33
CA ASP B 125 1.98 -32.39 8.42
C ASP B 125 1.98 -31.73 9.79
N LEU B 126 0.83 -31.76 10.47
CA LEU B 126 0.72 -31.21 11.82
C LEU B 126 1.30 -32.17 12.85
N TYR B 127 1.38 -33.45 12.50
CA TYR B 127 1.89 -34.48 13.40
C TYR B 127 3.43 -34.45 13.54
N ARG B 128 4.12 -33.81 12.59
CA ARG B 128 5.58 -33.79 12.67
C ARG B 128 6.08 -32.65 13.54
N ARG B 129 5.19 -31.72 13.89
CA ARG B 129 5.62 -30.58 14.68
C ARG B 129 5.99 -30.93 16.14
N ASP B 130 6.50 -29.95 16.87
CA ASP B 130 7.12 -30.20 18.17
C ASP B 130 6.15 -30.39 19.35
N PHE B 131 5.36 -29.37 19.62
CA PHE B 131 4.44 -29.41 20.75
C PHE B 131 2.97 -29.07 20.38
N THR B 132 2.03 -29.60 21.15
CA THR B 132 0.62 -29.43 20.84
C THR B 132 0.24 -28.00 20.49
N ILE B 133 0.70 -27.03 21.28
CA ILE B 133 0.29 -25.65 21.04
C ILE B 133 0.90 -25.04 19.79
N ASN B 134 1.96 -25.67 19.26
CA ASN B 134 2.54 -25.28 17.99
C ASN B 134 2.04 -26.17 16.85
N ALA B 135 1.23 -27.16 17.18
CA ALA B 135 0.73 -28.11 16.17
C ALA B 135 -0.63 -27.79 15.53
N MET B 136 -1.09 -26.55 15.62
CA MET B 136 -2.41 -26.24 15.04
C MET B 136 -2.40 -25.59 13.66
N ALA B 137 -3.58 -25.39 13.11
CA ALA B 137 -3.75 -24.78 11.80
C ALA B 137 -5.08 -24.02 11.74
N ILE B 138 -5.13 -23.00 10.90
CA ILE B 138 -6.36 -22.30 10.59
C ILE B 138 -6.50 -22.37 9.06
N LYS B 139 -7.63 -22.91 8.57
CA LYS B 139 -7.85 -23.02 7.13
C LYS B 139 -8.19 -21.66 6.56
N LEU B 140 -7.93 -21.42 5.28
CA LEU B 140 -8.07 -20.08 4.73
C LEU B 140 -9.00 -20.01 3.52
N ASN B 141 -9.19 -21.13 2.84
CA ASN B 141 -10.16 -21.18 1.77
C ASN B 141 -11.50 -20.65 2.29
N PRO B 142 -12.17 -19.81 1.50
CA PRO B 142 -13.38 -19.09 1.89
C PRO B 142 -14.50 -19.91 2.55
N LYS B 143 -14.63 -21.20 2.22
CA LYS B 143 -15.74 -21.99 2.78
C LYS B 143 -15.50 -22.28 4.25
N ASP B 144 -14.23 -22.36 4.61
CA ASP B 144 -13.81 -22.64 5.95
C ASP B 144 -12.84 -21.61 6.41
N PHE B 145 -13.10 -20.35 6.17
CA PHE B 145 -12.06 -19.41 6.44
C PHE B 145 -11.53 -19.26 7.86
N GLY B 146 -12.29 -19.00 8.89
CA GLY B 146 -11.60 -19.02 10.19
C GLY B 146 -11.48 -20.33 10.98
N LEU B 147 -11.29 -21.47 10.32
CA LEU B 147 -11.46 -22.76 10.98
C LEU B 147 -10.21 -23.30 11.66
N LEU B 148 -10.26 -23.38 12.99
CA LEU B 148 -9.19 -23.96 13.79
C LEU B 148 -9.14 -25.47 13.60
N ILE B 149 -7.93 -26.02 13.50
CA ILE B 149 -7.78 -27.45 13.35
C ILE B 149 -6.80 -27.96 14.38
N ASP B 150 -7.35 -28.56 15.43
CA ASP B 150 -6.56 -29.09 16.52
C ASP B 150 -6.78 -30.59 16.76
N PHE B 151 -6.18 -31.43 15.94
CA PHE B 151 -6.24 -32.88 16.15
C PHE B 151 -5.59 -33.31 17.45
N PHE B 152 -4.58 -32.55 17.89
CA PHE B 152 -3.69 -33.06 18.93
C PHE B 152 -3.94 -32.45 20.30
N GLY B 153 -4.90 -31.54 20.39
CA GLY B 153 -5.29 -30.99 21.68
C GLY B 153 -4.37 -29.89 22.14
N GLY B 154 -4.07 -28.99 21.23
CA GLY B 154 -3.30 -27.81 21.56
C GLY B 154 -4.13 -26.72 22.19
N TYR B 155 -5.42 -26.67 21.86
CA TYR B 155 -6.32 -25.73 22.51
C TYR B 155 -6.35 -26.04 24.01
N ARG B 156 -6.67 -27.28 24.36
CA ARG B 156 -6.73 -27.67 25.77
C ARG B 156 -5.43 -27.31 26.47
N ASP B 157 -4.31 -27.68 25.85
CA ASP B 157 -3.01 -27.43 26.45
C ASP B 157 -2.66 -25.95 26.46
N LEU B 158 -3.13 -25.19 25.48
CA LEU B 158 -2.84 -23.77 25.44
C LEU B 158 -3.49 -23.11 26.64
N LYS B 159 -4.74 -23.47 26.88
CA LYS B 159 -5.53 -22.86 27.94
C LYS B 159 -5.04 -23.31 29.31
N GLU B 160 -4.64 -24.56 29.44
CA GLU B 160 -4.04 -25.05 30.69
C GLU B 160 -2.54 -24.72 30.83
N GLY B 161 -1.93 -24.16 29.80
CA GLY B 161 -0.51 -23.85 29.80
C GLY B 161 0.40 -25.07 29.87
N VAL B 162 0.20 -26.01 28.95
CA VAL B 162 0.90 -27.28 29.02
C VAL B 162 1.78 -27.53 27.80
N ILE B 163 2.98 -28.03 28.05
CA ILE B 163 3.89 -28.33 26.98
C ILE B 163 3.89 -29.82 26.86
N ARG B 164 3.63 -30.32 25.67
CA ARG B 164 3.44 -31.73 25.52
C ARG B 164 3.78 -32.11 24.09
N VAL B 165 4.69 -33.06 23.93
CA VAL B 165 5.05 -33.53 22.60
C VAL B 165 3.88 -34.27 22.01
N LEU B 166 3.90 -34.44 20.69
CA LEU B 166 2.78 -35.03 19.98
C LEU B 166 2.81 -36.55 20.03
N HIS B 167 4.00 -37.11 20.19
CA HIS B 167 4.13 -38.55 20.30
C HIS B 167 5.40 -38.95 21.05
N THR B 168 5.59 -40.26 21.16
CA THR B 168 6.59 -40.88 22.03
C THR B 168 8.05 -40.70 21.60
N LEU B 169 8.33 -40.73 20.30
CA LEU B 169 9.71 -40.63 19.83
C LEU B 169 10.17 -39.18 19.64
N SER B 170 9.23 -38.25 19.69
CA SER B 170 9.47 -36.86 19.35
C SER B 170 10.89 -36.43 19.70
N PHE B 171 11.38 -36.81 20.86
CA PHE B 171 12.70 -36.36 21.28
C PHE B 171 13.83 -37.14 20.62
N VAL B 172 13.59 -38.41 20.34
CA VAL B 172 14.57 -39.21 19.61
C VAL B 172 14.70 -38.68 18.19
N ASP B 173 13.58 -38.31 17.60
CA ASP B 173 13.56 -37.80 16.26
C ASP B 173 14.30 -36.49 16.12
N ASP B 174 14.19 -35.65 17.12
CA ASP B 174 14.86 -34.36 17.11
C ASP B 174 15.21 -33.85 18.50
N PRO B 175 16.35 -34.23 19.03
CA PRO B 175 16.74 -33.88 20.40
C PRO B 175 16.72 -32.36 20.69
N THR B 176 16.86 -31.55 19.64
CA THR B 176 16.66 -30.11 19.72
C THR B 176 15.41 -29.70 20.52
N ARG B 177 14.35 -30.49 20.41
CA ARG B 177 13.08 -30.18 21.07
C ARG B 177 13.16 -30.20 22.60
N ILE B 178 14.29 -30.68 23.14
CA ILE B 178 14.49 -30.71 24.58
C ILE B 178 14.77 -29.31 25.07
N LEU B 179 15.66 -28.62 24.35
CA LEU B 179 15.95 -27.23 24.64
C LEU B 179 14.74 -26.37 24.27
N ARG B 180 14.10 -26.70 23.17
CA ARG B 180 12.87 -26.00 22.76
C ARG B 180 11.78 -26.05 23.84
N ALA B 181 11.52 -27.25 24.35
CA ALA B 181 10.48 -27.45 25.36
C ALA B 181 10.69 -26.57 26.59
N ILE B 182 11.95 -26.40 26.97
CA ILE B 182 12.25 -25.54 28.09
C ILE B 182 12.02 -24.10 27.69
N ARG B 183 12.60 -23.69 26.57
CA ARG B 183 12.47 -22.32 26.12
C ARG B 183 11.03 -21.83 26.18
N PHE B 184 10.11 -22.66 25.68
CA PHE B 184 8.69 -22.35 25.65
C PHE B 184 8.08 -22.36 27.05
N GLU B 185 8.49 -23.34 27.85
CA GLU B 185 8.05 -23.43 29.22
C GLU B 185 8.20 -22.08 29.91
N GLN B 186 9.32 -21.43 29.69
CA GLN B 186 9.64 -20.21 30.42
C GLN B 186 9.14 -18.95 29.69
N ARG B 187 8.86 -19.08 28.41
CA ARG B 187 8.34 -17.94 27.67
C ARG B 187 6.89 -17.70 28.01
N PHE B 188 6.13 -18.79 28.12
CA PHE B 188 4.70 -18.70 28.40
C PHE B 188 4.36 -18.98 29.86
N ASP B 189 5.36 -19.20 30.69
CA ASP B 189 5.08 -19.61 32.06
C ASP B 189 4.19 -20.83 32.02
N PHE B 190 4.54 -21.77 31.15
CA PHE B 190 3.82 -23.03 31.07
C PHE B 190 4.61 -24.09 31.82
N ARG B 191 4.10 -25.30 31.88
CA ARG B 191 4.88 -26.41 32.43
C ARG B 191 4.78 -27.64 31.54
N ILE B 192 5.81 -28.48 31.62
CA ILE B 192 5.92 -29.66 30.78
C ILE B 192 5.19 -30.84 31.42
N GLU B 193 4.10 -31.27 30.83
CA GLU B 193 3.31 -32.34 31.39
C GLU B 193 4.18 -33.56 31.59
N GLU B 194 3.81 -34.32 32.60
CA GLU B 194 4.67 -35.34 33.14
C GLU B 194 5.11 -36.38 32.15
N THR B 195 4.23 -36.83 31.30
CA THR B 195 4.72 -37.83 30.34
C THR B 195 5.77 -37.27 29.37
N THR B 196 5.71 -35.97 29.11
CA THR B 196 6.69 -35.36 28.24
C THR B 196 7.95 -35.12 29.05
N GLU B 197 7.78 -34.81 30.33
CA GLU B 197 8.91 -34.68 31.26
C GLU B 197 9.66 -36.00 31.40
N ARG B 198 8.94 -37.06 31.70
CA ARG B 198 9.53 -38.37 31.80
C ARG B 198 10.20 -38.75 30.49
N LEU B 199 9.62 -38.31 29.39
CA LEU B 199 10.06 -38.74 28.06
C LEU B 199 11.31 -37.98 27.64
N LEU B 200 11.41 -36.76 28.14
CA LEU B 200 12.55 -35.88 27.89
C LEU B 200 13.78 -36.40 28.63
N LYS B 201 13.66 -36.50 29.95
CA LYS B 201 14.71 -37.06 30.79
C LYS B 201 15.30 -38.30 30.15
N GLN B 202 14.43 -39.22 29.75
CA GLN B 202 14.84 -40.43 29.07
C GLN B 202 15.69 -40.12 27.83
N ALA B 203 15.26 -39.16 27.03
CA ALA B 203 15.99 -38.80 25.82
C ALA B 203 17.34 -38.20 26.16
N VAL B 204 17.41 -37.51 27.29
CA VAL B 204 18.63 -36.83 27.72
C VAL B 204 19.68 -37.79 28.28
N GLU B 205 19.24 -38.67 29.18
CA GLU B 205 20.10 -39.70 29.76
C GLU B 205 20.66 -40.64 28.70
N GLU B 206 19.83 -41.04 27.77
CA GLU B 206 20.22 -42.02 26.81
C GLU B 206 21.22 -41.43 25.88
N GLY B 207 21.58 -40.19 26.16
CA GLY B 207 22.55 -39.45 25.35
C GLY B 207 22.10 -39.17 23.93
N TYR B 208 21.22 -38.19 23.78
CA TYR B 208 20.64 -37.91 22.47
C TYR B 208 21.06 -36.54 21.94
N LEU B 209 21.33 -35.62 22.86
CA LEU B 209 21.81 -34.30 22.48
C LEU B 209 23.13 -34.43 21.73
N GLU B 210 24.04 -35.23 22.27
CA GLU B 210 25.37 -35.35 21.67
C GLU B 210 25.33 -36.01 20.29
N ARG B 211 24.22 -36.68 20.00
CA ARG B 211 24.06 -37.40 18.74
C ARG B 211 23.63 -36.43 17.62
N THR B 212 23.32 -35.20 18.00
CA THR B 212 22.84 -34.19 17.04
C THR B 212 23.73 -32.94 16.99
N THR B 213 23.91 -32.43 15.77
CA THR B 213 24.97 -31.46 15.47
C THR B 213 25.04 -30.21 16.36
N GLY B 214 26.24 -29.63 16.43
CA GLY B 214 26.54 -28.49 17.28
C GLY B 214 25.79 -27.22 16.95
N PRO B 215 25.81 -26.82 15.67
CA PRO B 215 24.99 -25.68 15.21
C PRO B 215 23.53 -25.78 15.68
N ARG B 216 22.87 -26.88 15.35
CA ARG B 216 21.47 -27.06 15.71
C ARG B 216 21.21 -26.82 17.18
N LEU B 217 22.10 -27.32 18.04
CA LEU B 217 21.97 -27.14 19.47
C LEU B 217 22.34 -25.72 19.85
N ARG B 218 23.41 -25.23 19.23
CA ARG B 218 23.88 -23.90 19.56
C ARG B 218 22.79 -22.88 19.30
N GLN B 219 22.09 -23.05 18.19
CA GLN B 219 21.09 -22.08 17.78
C GLN B 219 19.95 -22.04 18.77
N GLU B 220 19.50 -23.22 19.18
CA GLU B 220 18.40 -23.36 20.14
C GLU B 220 18.76 -22.76 21.48
N LEU B 221 20.07 -22.72 21.71
CA LEU B 221 20.63 -22.30 22.98
C LEU B 221 20.75 -20.78 23.02
N GLU B 222 21.26 -20.21 21.94
CA GLU B 222 21.31 -18.76 21.84
C GLU B 222 19.88 -18.27 21.98
N LYS B 223 18.98 -18.93 21.25
CA LYS B 223 17.54 -18.66 21.31
C LYS B 223 16.99 -18.64 22.74
N ILE B 224 17.44 -19.56 23.57
CA ILE B 224 17.01 -19.61 24.97
C ILE B 224 17.49 -18.41 25.77
N LEU B 225 18.66 -17.89 25.41
CA LEU B 225 19.25 -16.81 26.18
C LEU B 225 18.71 -15.42 25.80
N GLU B 226 17.98 -15.35 24.67
CA GLU B 226 17.31 -14.13 24.23
C GLU B 226 15.98 -13.94 24.96
N GLU B 227 15.43 -15.04 25.46
CA GLU B 227 14.10 -15.08 26.09
C GLU B 227 14.00 -14.29 27.39
N LYS B 228 12.84 -14.34 28.01
CA LYS B 228 12.55 -13.59 29.22
C LYS B 228 13.34 -13.89 30.51
N ASN B 229 13.51 -15.14 30.86
CA ASN B 229 14.37 -15.50 31.97
C ASN B 229 15.41 -16.49 31.55
N PRO B 230 16.60 -15.98 31.21
CA PRO B 230 17.69 -16.91 30.90
C PRO B 230 18.07 -17.65 32.16
N LEU B 231 18.14 -16.94 33.27
CA LEU B 231 18.54 -17.56 34.54
C LEU B 231 17.62 -18.76 34.79
N LYS B 232 16.31 -18.53 34.68
CA LYS B 232 15.32 -19.54 34.98
C LYS B 232 15.44 -20.74 34.04
N SER B 233 15.60 -20.44 32.75
CA SER B 233 15.81 -21.48 31.73
C SER B 233 17.03 -22.36 32.04
N ILE B 234 18.04 -21.80 32.68
CA ILE B 234 19.28 -22.52 32.92
C ILE B 234 19.20 -23.43 34.15
N ARG B 235 18.58 -22.93 35.22
CA ARG B 235 18.41 -23.74 36.42
C ARG B 235 17.47 -24.88 36.08
N ARG B 236 16.50 -24.59 35.22
CA ARG B 236 15.59 -25.62 34.73
C ARG B 236 16.36 -26.62 33.88
N MET B 237 17.11 -26.14 32.90
CA MET B 237 17.95 -27.02 32.12
C MET B 237 18.75 -27.92 33.04
N ALA B 238 19.33 -27.32 34.08
CA ALA B 238 20.11 -28.08 35.04
C ALA B 238 19.30 -29.21 35.64
N GLN B 239 18.06 -28.95 36.03
CA GLN B 239 17.25 -30.00 36.65
C GLN B 239 17.16 -31.24 35.78
N PHE B 240 17.00 -31.05 34.47
CA PHE B 240 16.89 -32.18 33.56
C PHE B 240 18.27 -32.67 33.15
N ASP B 241 19.29 -32.14 33.82
CA ASP B 241 20.70 -32.49 33.57
C ASP B 241 21.12 -32.44 32.09
N VAL B 242 20.76 -31.36 31.39
CA VAL B 242 21.15 -31.19 29.99
C VAL B 242 22.50 -30.47 29.85
N ILE B 243 22.79 -29.57 30.78
CA ILE B 243 24.06 -28.86 30.76
C ILE B 243 25.17 -29.88 30.74
N LYS B 244 25.09 -30.84 31.64
CA LYS B 244 26.12 -31.87 31.75
C LYS B 244 26.31 -32.62 30.43
N HIS B 245 25.24 -32.73 29.65
CA HIS B 245 25.30 -33.44 28.37
C HIS B 245 25.56 -32.51 27.18
N LEU B 246 25.67 -31.20 27.42
CA LEU B 246 26.06 -30.30 26.34
C LEU B 246 27.55 -29.94 26.49
N PHE B 247 27.94 -29.61 27.70
CA PHE B 247 29.34 -29.30 28.00
C PHE B 247 29.90 -30.23 29.08
N PRO B 248 30.45 -31.38 28.65
CA PRO B 248 30.76 -32.52 29.52
C PRO B 248 31.43 -32.18 30.86
N LYS B 249 32.28 -31.16 30.89
CA LYS B 249 33.01 -30.81 32.10
C LYS B 249 32.43 -29.63 32.89
N THR B 250 31.19 -29.25 32.59
CA THR B 250 30.54 -28.22 33.39
C THR B 250 29.59 -28.88 34.38
N TYR B 251 29.83 -28.67 35.68
CA TYR B 251 29.01 -29.28 36.72
C TYR B 251 28.23 -28.23 37.48
N TYR B 252 26.91 -28.19 37.26
CA TYR B 252 26.10 -27.13 37.82
C TYR B 252 25.90 -27.25 39.34
N THR B 253 26.85 -26.72 40.08
CA THR B 253 26.83 -26.70 41.55
C THR B 253 26.29 -25.36 42.02
N PRO B 254 25.96 -25.25 43.31
CA PRO B 254 25.47 -23.98 43.86
C PRO B 254 26.49 -22.83 43.80
N SER B 255 27.78 -23.17 43.68
CA SER B 255 28.81 -22.17 43.36
C SER B 255 28.52 -21.68 41.96
N MET B 256 28.75 -22.58 41.00
CA MET B 256 28.37 -22.40 39.60
C MET B 256 27.06 -21.62 39.43
N ASP B 257 26.09 -21.93 40.29
CA ASP B 257 24.78 -21.31 40.21
C ASP B 257 24.82 -19.85 40.67
N GLU B 258 25.42 -19.60 41.83
CA GLU B 258 25.41 -18.26 42.36
C GLU B 258 26.26 -17.31 41.51
N LYS B 259 27.23 -17.86 40.80
CA LYS B 259 27.97 -17.07 39.82
C LYS B 259 27.01 -16.62 38.75
N MET B 260 26.27 -17.57 38.20
CA MET B 260 25.32 -17.30 37.12
C MET B 260 24.27 -16.27 37.53
N GLU B 261 23.87 -16.27 38.80
CA GLU B 261 22.91 -15.30 39.30
C GLU B 261 23.47 -13.89 39.19
N ASN B 262 24.67 -13.70 39.73
CA ASN B 262 25.34 -12.41 39.67
C ASN B 262 25.56 -11.97 38.23
N LEU B 263 26.02 -12.90 37.39
CA LEU B 263 26.26 -12.60 35.99
C LEU B 263 25.08 -11.85 35.40
N PHE B 264 23.89 -12.38 35.66
CA PHE B 264 22.69 -11.88 35.00
C PHE B 264 22.17 -10.60 35.63
N ARG B 265 22.45 -10.39 36.91
CA ARG B 265 22.03 -9.17 37.57
C ARG B 265 22.94 -8.02 37.14
N ASN B 266 24.10 -8.38 36.60
CA ASN B 266 25.11 -7.40 36.23
C ASN B 266 25.12 -7.07 34.75
N ILE B 267 24.84 -8.05 33.90
CA ILE B 267 24.74 -7.78 32.47
C ILE B 267 23.98 -6.50 32.13
N PRO B 268 22.84 -6.26 32.78
CA PRO B 268 22.12 -5.02 32.47
C PRO B 268 23.04 -3.82 32.66
N TRP B 269 23.79 -3.84 33.76
CA TRP B 269 24.68 -2.75 34.09
C TRP B 269 25.85 -2.66 33.13
N VAL B 270 26.43 -3.81 32.81
CA VAL B 270 27.54 -3.86 31.88
C VAL B 270 27.09 -3.26 30.57
N GLU B 271 25.94 -3.74 30.09
CA GLU B 271 25.40 -3.36 28.80
C GLU B 271 25.10 -1.87 28.80
N GLU B 272 24.82 -1.34 29.99
CA GLU B 272 24.58 0.08 30.13
C GLU B 272 25.85 0.89 29.81
N ASN B 273 26.89 0.70 30.62
CA ASN B 273 28.09 1.53 30.53
C ASN B 273 29.08 1.17 29.42
N PHE B 274 29.08 -0.09 29.00
CA PHE B 274 30.10 -0.54 28.06
C PHE B 274 29.58 -0.86 26.65
N GLY B 275 28.50 -1.63 26.57
CA GLY B 275 27.91 -1.91 25.28
C GLY B 275 27.31 -3.30 25.22
N GLU B 276 27.01 -3.74 24.00
CA GLU B 276 26.33 -5.01 23.81
C GLU B 276 27.07 -6.13 24.53
N VAL B 277 26.31 -7.07 25.08
CA VAL B 277 26.88 -8.22 25.75
C VAL B 277 26.40 -9.51 25.07
N ASP B 278 27.35 -10.29 24.56
CA ASP B 278 27.00 -11.57 23.94
C ASP B 278 26.68 -12.59 25.03
N ARG B 279 25.39 -12.89 25.21
CA ARG B 279 24.96 -13.74 26.32
C ARG B 279 25.49 -15.17 26.18
N PHE B 280 25.37 -15.74 24.98
CA PHE B 280 25.95 -17.04 24.74
C PHE B 280 27.39 -17.16 25.26
N TYR B 281 28.29 -16.27 24.81
CA TYR B 281 29.65 -16.26 25.33
C TYR B 281 29.70 -15.89 26.81
N ALA B 282 28.92 -14.91 27.23
CA ALA B 282 28.90 -14.51 28.63
C ALA B 282 28.50 -15.66 29.53
N VAL B 283 27.79 -16.64 28.98
CA VAL B 283 27.41 -17.79 29.77
C VAL B 283 28.52 -18.81 29.72
N LEU B 284 29.05 -19.03 28.52
CA LEU B 284 30.13 -20.00 28.35
C LEU B 284 31.33 -19.67 29.26
N HIS B 285 31.57 -18.39 29.50
CA HIS B 285 32.62 -17.96 30.43
C HIS B 285 32.49 -18.72 31.75
N VAL B 286 31.27 -18.84 32.26
CA VAL B 286 31.01 -19.54 33.52
C VAL B 286 30.94 -21.05 33.35
N PHE B 287 30.30 -21.51 32.29
CA PHE B 287 30.19 -22.93 32.01
C PHE B 287 31.58 -23.54 31.87
N LEU B 288 32.41 -22.92 31.04
CA LEU B 288 33.67 -23.52 30.61
C LEU B 288 34.84 -23.38 31.60
N GLU B 289 34.57 -22.78 32.76
CA GLU B 289 35.60 -22.64 33.78
C GLU B 289 36.27 -23.96 34.13
N PHE B 290 37.60 -23.92 34.23
CA PHE B 290 38.38 -25.06 34.69
C PHE B 290 38.43 -26.22 33.71
N TYR B 291 38.09 -25.96 32.45
CA TYR B 291 38.23 -26.99 31.42
C TYR B 291 39.69 -27.18 31.11
N ASP B 292 40.14 -28.43 31.18
CA ASP B 292 41.52 -28.72 30.86
C ASP B 292 41.77 -28.49 29.37
N ASP B 293 43.05 -28.40 29.02
CA ASP B 293 43.49 -28.13 27.67
C ASP B 293 42.75 -28.99 26.64
N GLU B 294 42.56 -30.27 26.95
CA GLU B 294 42.06 -31.23 25.99
C GLU B 294 40.55 -31.15 25.82
N SER B 295 39.88 -30.69 26.85
CA SER B 295 38.42 -30.58 26.85
C SER B 295 37.97 -29.33 26.11
N TRP B 296 38.66 -28.22 26.32
CA TRP B 296 38.33 -26.99 25.60
C TRP B 296 38.38 -27.21 24.09
N LYS B 297 39.29 -28.08 23.66
CA LYS B 297 39.45 -28.36 22.24
C LYS B 297 38.15 -28.88 21.62
N GLU B 298 37.50 -29.82 22.29
CA GLU B 298 36.33 -30.51 21.76
C GLU B 298 35.11 -29.61 21.70
N VAL B 299 34.76 -29.02 22.83
CA VAL B 299 33.67 -28.08 22.90
C VAL B 299 33.84 -26.97 21.85
N ARG B 300 34.95 -26.25 21.93
CA ARG B 300 35.22 -25.17 20.98
C ARG B 300 34.98 -25.60 19.55
N ASP B 301 35.38 -26.81 19.23
CA ASP B 301 35.30 -27.31 17.85
C ASP B 301 33.87 -27.62 17.44
N ARG B 302 33.07 -28.12 18.39
CA ARG B 302 31.72 -28.57 18.09
C ARG B 302 30.76 -27.40 17.88
N TYR B 303 30.82 -26.43 18.79
CA TYR B 303 29.90 -25.30 18.76
C TYR B 303 30.51 -24.10 18.07
N SER B 304 31.72 -24.27 17.53
CA SER B 304 32.34 -23.22 16.74
C SER B 304 32.62 -21.98 17.57
N LEU B 305 33.27 -22.20 18.70
CA LEU B 305 33.66 -21.10 19.57
C LEU B 305 34.96 -20.46 19.09
N ARG B 306 35.27 -19.29 19.61
CA ARG B 306 36.49 -18.60 19.23
C ARG B 306 37.71 -19.30 19.79
N ARG B 307 38.74 -19.46 18.95
CA ARG B 307 39.97 -20.11 19.40
C ARG B 307 40.44 -19.50 20.71
N ASN B 308 40.21 -18.19 20.85
CA ASN B 308 40.78 -17.43 21.94
C ASN B 308 39.98 -17.44 23.24
N LEU B 309 38.68 -17.65 23.12
CA LEU B 309 37.78 -17.64 24.28
C LEU B 309 38.35 -18.35 25.53
N ILE B 310 38.98 -19.49 25.31
CA ILE B 310 39.56 -20.26 26.40
C ILE B 310 40.57 -19.43 27.18
N ASN B 311 41.40 -18.70 26.44
CA ASN B 311 42.36 -17.79 27.05
C ASN B 311 41.66 -16.76 27.93
N GLU B 312 40.76 -15.98 27.33
CA GLU B 312 39.98 -15.01 28.09
C GLU B 312 39.32 -15.64 29.33
N ILE B 313 38.73 -16.81 29.17
CA ILE B 313 38.07 -17.49 30.29
C ILE B 313 39.06 -17.88 31.37
N ARG B 314 40.15 -18.53 30.98
CA ARG B 314 41.18 -18.93 31.93
C ARG B 314 41.72 -17.72 32.68
N HIS B 315 41.98 -16.64 31.95
CA HIS B 315 42.42 -15.38 32.55
C HIS B 315 41.64 -15.04 33.83
N VAL B 316 40.32 -15.16 33.77
CA VAL B 316 39.46 -14.75 34.87
C VAL B 316 39.47 -15.72 36.05
N GLU B 317 39.33 -17.01 35.76
CA GLU B 317 39.33 -18.02 36.82
C GLU B 317 40.60 -17.96 37.67
N LYS B 318 41.71 -17.57 37.04
CA LYS B 318 42.99 -17.47 37.74
C LYS B 318 43.10 -16.18 38.54
N SER B 319 42.87 -15.05 37.88
CA SER B 319 43.03 -13.74 38.53
C SER B 319 41.86 -13.36 39.43
N ALA B 320 40.91 -14.28 39.62
CA ALA B 320 39.69 -13.97 40.37
C ALA B 320 39.94 -13.79 41.87
N PRO B 321 40.53 -14.81 42.52
CA PRO B 321 40.83 -14.62 43.95
C PRO B 321 41.53 -13.29 44.20
N ALA B 322 42.56 -12.98 43.42
CA ALA B 322 43.33 -11.74 43.62
C ALA B 322 42.44 -10.49 43.75
N LEU B 323 41.33 -10.48 43.00
CA LEU B 323 40.47 -9.29 42.91
C LEU B 323 39.74 -9.01 44.23
N LEU B 324 39.35 -10.07 44.92
CA LEU B 324 38.65 -9.92 46.19
C LEU B 324 39.46 -9.11 47.21
N GLU B 325 40.69 -9.54 47.51
CA GLU B 325 41.52 -8.83 48.47
C GLU B 325 41.91 -7.46 47.94
N MET B 326 41.63 -7.21 46.66
CA MET B 326 41.84 -5.88 46.12
C MET B 326 40.67 -4.98 46.50
N LEU B 327 39.49 -5.58 46.65
CA LEU B 327 38.32 -4.81 47.02
C LEU B 327 38.19 -4.67 48.53
N SER B 328 38.39 -5.77 49.27
CA SER B 328 38.62 -5.64 50.70
C SER B 328 39.96 -4.93 50.78
N GLU B 329 39.96 -3.77 51.41
CA GLU B 329 41.13 -2.97 51.30
C GLU B 329 41.10 -2.21 49.99
N ARG B 330 40.35 -1.13 49.94
CA ARG B 330 40.14 -0.50 48.68
C ARG B 330 41.42 0.15 48.19
N VAL B 331 42.23 -0.73 47.60
CA VAL B 331 43.52 -0.39 47.00
C VAL B 331 43.31 0.61 45.88
N PRO B 332 44.28 1.53 45.67
CA PRO B 332 44.11 2.58 44.67
C PRO B 332 43.80 1.99 43.30
N ALA B 333 43.12 2.79 42.47
CA ALA B 333 42.68 2.37 41.13
C ALA B 333 43.72 1.57 40.32
N SER B 334 44.95 2.08 40.30
CA SER B 334 46.04 1.49 39.52
C SER B 334 46.16 -0.04 39.65
N PHE B 335 45.97 -0.56 40.86
CA PHE B 335 46.26 -1.96 41.14
C PHE B 335 45.38 -2.99 40.41
N VAL B 336 44.28 -2.55 39.81
CA VAL B 336 43.36 -3.47 39.13
C VAL B 336 43.39 -3.35 37.60
N TYR B 337 43.79 -2.20 37.09
CA TYR B 337 43.85 -1.95 35.64
C TYR B 337 44.39 -3.13 34.81
N PRO B 338 45.54 -3.70 35.22
CA PRO B 338 46.15 -4.80 34.46
C PRO B 338 45.16 -5.92 34.16
N LEU B 339 44.14 -6.06 35.02
CA LEU B 339 43.23 -7.19 34.96
C LEU B 339 42.02 -7.01 34.04
N VAL B 340 41.70 -5.76 33.69
CA VAL B 340 40.57 -5.51 32.81
C VAL B 340 40.99 -4.70 31.58
N LYS B 341 42.28 -4.60 31.29
CA LYS B 341 42.74 -3.67 30.27
C LYS B 341 42.26 -3.79 28.82
N GLY B 342 42.32 -4.94 28.17
CA GLY B 342 41.72 -5.01 26.84
C GLY B 342 40.50 -5.89 26.74
N VAL B 343 40.06 -6.41 27.88
CA VAL B 343 39.10 -7.51 27.90
C VAL B 343 37.71 -7.18 27.36
N SER B 344 37.02 -8.23 26.92
CA SER B 344 35.68 -8.10 26.35
C SER B 344 34.66 -7.78 27.42
N ASN B 345 33.49 -7.32 26.99
CA ASN B 345 32.43 -7.04 27.92
C ASN B 345 32.00 -8.32 28.62
N GLU B 346 32.06 -9.44 27.90
CA GLU B 346 31.79 -10.73 28.51
C GLU B 346 32.78 -11.00 29.64
N THR B 347 34.06 -10.70 29.43
CA THR B 347 35.07 -10.85 30.48
C THR B 347 34.63 -10.04 31.71
N ILE B 348 34.32 -8.76 31.51
CA ILE B 348 33.84 -7.91 32.59
C ILE B 348 32.69 -8.55 33.40
N CYS B 349 31.68 -9.05 32.70
CA CYS B 349 30.58 -9.75 33.37
C CYS B 349 31.11 -10.97 34.13
N HIS B 350 31.95 -11.74 33.46
CA HIS B 350 32.54 -12.95 34.06
C HIS B 350 33.15 -12.61 35.41
N PHE B 351 33.89 -11.50 35.48
CA PHE B 351 34.42 -11.00 36.75
C PHE B 351 33.30 -10.61 37.71
N LEU B 352 32.33 -9.83 37.21
CA LEU B 352 31.21 -9.37 38.03
C LEU B 352 30.44 -10.55 38.62
N ALA B 353 30.55 -11.70 37.96
CA ALA B 353 29.87 -12.91 38.41
C ALA B 353 30.25 -13.32 39.83
N TYR B 354 31.27 -12.68 40.39
CA TYR B 354 31.78 -13.04 41.71
C TYR B 354 31.38 -12.08 42.82
N LEU B 355 30.90 -10.90 42.44
CA LEU B 355 30.69 -9.86 43.43
C LEU B 355 29.24 -9.70 43.89
N SER B 356 29.08 -9.55 45.19
CA SER B 356 27.78 -9.26 45.78
C SER B 356 27.91 -7.98 46.57
N GLY B 357 26.86 -7.18 46.55
CA GLY B 357 26.76 -6.00 47.40
C GLY B 357 27.90 -5.00 47.27
N GLU B 358 28.50 -4.65 48.41
CA GLU B 358 29.46 -3.54 48.48
C GLU B 358 30.79 -3.85 47.82
N LYS B 359 31.05 -5.12 47.52
CA LYS B 359 32.24 -5.48 46.78
C LYS B 359 32.08 -5.10 45.33
N GLU B 360 30.84 -5.13 44.84
CA GLU B 360 30.59 -4.84 43.44
C GLU B 360 30.41 -3.34 43.18
N GLY B 361 29.70 -2.65 44.07
CA GLY B 361 29.51 -1.21 43.91
C GLY B 361 30.85 -0.51 43.85
N LEU B 362 31.84 -1.14 44.48
CA LEU B 362 33.21 -0.66 44.50
C LEU B 362 33.89 -1.07 43.21
N PHE B 363 33.83 -2.36 42.89
CA PHE B 363 34.43 -2.84 41.66
C PHE B 363 33.79 -2.20 40.45
N LYS B 364 32.52 -1.83 40.58
CA LYS B 364 31.82 -1.19 39.48
C LYS B 364 32.35 0.21 39.31
N SER B 365 32.54 0.93 40.41
CA SER B 365 33.08 2.28 40.33
C SER B 365 34.52 2.32 39.79
N TYR B 366 35.29 1.25 40.03
CA TYR B 366 36.63 1.17 39.48
C TYR B 366 36.58 1.12 37.96
N LEU B 367 35.88 0.12 37.43
CA LEU B 367 35.73 -0.02 35.99
C LEU B 367 35.31 1.31 35.37
N LEU B 368 34.38 2.00 36.01
CA LEU B 368 33.90 3.28 35.50
C LEU B 368 34.99 4.35 35.51
N LYS B 369 35.85 4.29 36.53
CA LYS B 369 37.00 5.18 36.60
C LYS B 369 37.89 4.90 35.38
N ILE B 370 38.34 3.68 35.24
CA ILE B 370 39.21 3.47 34.12
C ILE B 370 38.54 3.79 32.79
N LYS B 371 37.27 3.50 32.62
CA LYS B 371 36.63 3.74 31.33
C LYS B 371 36.95 5.11 30.77
N ASN B 372 36.63 6.14 31.54
CA ASN B 372 36.75 7.52 31.07
C ASN B 372 37.87 8.33 31.74
N THR B 373 38.70 7.65 32.53
CA THR B 373 39.91 8.27 33.04
C THR B 373 41.10 7.80 32.23
N LYS B 374 40.82 7.11 31.13
CA LYS B 374 41.84 6.93 30.11
C LYS B 374 42.45 8.33 29.93
N LEU B 375 41.68 9.30 29.55
CA LEU B 375 41.98 10.67 29.81
C LEU B 375 43.41 11.04 29.50
N GLU B 376 44.04 10.38 28.57
CA GLU B 376 45.33 10.86 28.13
C GLU B 376 45.01 12.16 27.43
N LYS B 377 45.31 13.26 28.11
CA LYS B 377 44.82 14.54 27.65
C LYS B 377 45.76 15.26 26.68
N ILE B 378 46.99 15.49 27.12
CA ILE B 378 47.92 16.18 26.26
C ILE B 378 49.20 15.42 26.00
N ASN B 379 49.53 14.47 26.85
CA ASN B 379 50.78 13.76 26.70
C ASN B 379 50.64 12.54 25.81
N GLY B 380 50.24 12.77 24.56
CA GLY B 380 50.04 11.71 23.61
C GLY B 380 51.25 11.45 22.74
N GLU B 381 51.97 10.43 23.13
CA GLU B 381 52.92 9.84 22.26
C GLU B 381 54.06 10.62 21.74
N TYR B 382 53.87 11.00 20.50
CA TYR B 382 54.98 11.58 19.76
C TYR B 382 55.51 12.78 20.55
N LEU B 383 54.85 13.11 21.65
CA LEU B 383 55.42 14.08 22.57
C LEU B 383 56.69 13.45 23.13
N ILE B 384 56.54 12.25 23.66
CA ILE B 384 57.65 11.49 24.20
C ILE B 384 58.60 11.05 23.11
N ARG B 385 58.09 10.97 21.91
CA ARG B 385 58.91 10.58 20.78
C ARG B 385 59.84 11.72 20.37
N LYS B 386 59.53 12.94 20.81
CA LYS B 386 60.37 14.10 20.49
C LYS B 386 61.53 14.31 21.48
N GLY B 387 61.49 13.63 22.62
CA GLY B 387 62.72 13.28 23.31
C GLY B 387 63.16 12.09 22.47
N ILE B 388 64.21 11.37 22.84
CA ILE B 388 64.49 10.11 22.15
C ILE B 388 63.42 9.09 22.58
N THR B 389 63.55 7.87 22.06
CA THR B 389 62.62 6.79 22.34
C THR B 389 62.19 6.01 21.09
N SER B 390 61.97 4.71 21.21
CA SER B 390 61.49 3.94 20.08
C SER B 390 60.74 2.68 20.52
N GLY B 391 59.47 2.62 20.10
CA GLY B 391 58.57 1.50 20.30
C GLY B 391 58.64 0.71 21.58
N LYS B 392 57.50 0.23 22.06
CA LYS B 392 57.51 -0.64 23.22
C LYS B 392 58.10 -0.22 24.53
N ILE B 393 58.75 0.92 24.49
CA ILE B 393 59.10 1.71 25.65
C ILE B 393 58.15 2.90 25.72
N ILE B 394 57.85 3.45 24.55
CA ILE B 394 56.83 4.47 24.42
C ILE B 394 55.56 4.01 25.14
N GLY B 395 55.12 2.80 24.83
CA GLY B 395 53.90 2.25 25.39
C GLY B 395 53.98 2.11 26.90
N GLU B 396 55.13 1.67 27.38
CA GLU B 396 55.34 1.49 28.81
C GLU B 396 55.30 2.80 29.59
N VAL B 397 55.96 3.85 29.10
CA VAL B 397 56.01 5.10 29.88
C VAL B 397 54.64 5.78 29.86
N LEU B 398 54.00 5.76 28.69
CA LEU B 398 52.63 6.26 28.57
C LEU B 398 51.72 5.60 29.59
N GLU B 399 51.76 4.28 29.64
CA GLU B 399 50.90 3.56 30.56
C GLU B 399 51.12 4.03 31.99
N LYS B 400 52.39 4.13 32.39
CA LYS B 400 52.75 4.51 33.75
C LYS B 400 52.25 5.89 34.15
N ILE B 401 51.99 6.74 33.17
CA ILE B 401 51.43 8.05 33.47
C ILE B 401 49.94 7.92 33.67
N LEU B 402 49.27 7.41 32.65
CA LEU B 402 47.85 7.11 32.75
C LEU B 402 47.51 6.37 34.05
N MET B 403 48.39 5.47 34.44
CA MET B 403 48.20 4.66 35.65
C MET B 403 48.24 5.52 36.90
N LYS B 404 49.19 6.45 36.95
CA LYS B 404 49.29 7.39 38.07
C LYS B 404 48.06 8.28 38.12
N LYS B 405 47.53 8.63 36.94
CA LYS B 405 46.34 9.45 36.84
C LYS B 405 45.13 8.79 37.49
N LEU B 406 44.99 7.49 37.29
CA LEU B 406 43.90 6.75 37.92
C LEU B 406 43.73 7.09 39.40
N ASP B 407 44.82 7.43 40.07
CA ASP B 407 44.77 7.65 41.51
C ASP B 407 45.24 9.07 41.88
N GLY B 408 44.69 10.09 41.23
CA GLY B 408 45.15 11.45 41.42
C GLY B 408 46.12 11.84 40.32
N ASP B 409 46.43 13.12 40.25
CA ASP B 409 47.14 13.63 39.11
C ASP B 409 47.83 14.92 39.37
N THR B 410 48.62 15.36 38.39
CA THR B 410 49.27 16.66 38.41
C THR B 410 48.99 17.40 37.10
N ARG B 411 50.02 17.95 36.46
CA ARG B 411 49.91 18.62 35.14
C ARG B 411 49.60 17.80 33.87
N ASP B 412 50.20 16.61 33.82
CA ASP B 412 50.12 15.62 32.72
C ASP B 412 51.44 15.56 32.00
N GLU B 413 52.35 16.41 32.39
CA GLU B 413 53.70 16.48 31.84
C GLU B 413 54.71 16.46 32.98
N GLU B 414 54.27 16.90 34.14
CA GLU B 414 55.08 16.80 35.34
C GLU B 414 55.19 15.33 35.71
N GLU B 415 54.17 14.55 35.36
CA GLU B 415 54.15 13.14 35.71
C GLU B 415 55.04 12.31 34.80
N ILE B 416 55.09 12.68 33.53
CA ILE B 416 55.96 12.00 32.59
C ILE B 416 57.40 12.17 33.05
N LEU B 417 57.72 13.35 33.57
CA LEU B 417 59.08 13.64 34.02
C LEU B 417 59.43 12.97 35.35
N GLU B 418 58.42 12.74 36.17
CA GLU B 418 58.61 12.01 37.41
C GLU B 418 58.85 10.54 37.06
N GLU B 419 58.38 10.14 35.89
CA GLU B 419 58.41 8.73 35.50
C GLU B 419 59.61 8.32 34.67
N VAL B 420 60.02 9.16 33.71
CA VAL B 420 61.29 8.92 33.03
C VAL B 420 62.35 8.87 34.13
N LEU B 421 62.26 9.84 35.04
CA LEU B 421 63.04 9.86 36.28
C LEU B 421 62.98 8.54 37.03
N ALA B 422 61.79 8.04 37.26
CA ALA B 422 61.64 6.80 37.97
C ALA B 422 62.22 5.85 36.97
N SER B 423 62.42 6.31 35.75
CA SER B 423 62.90 5.32 34.82
C SER B 423 64.26 4.81 35.15
N LEU B 424 65.06 5.70 35.72
CA LEU B 424 66.46 5.41 35.94
C LEU B 424 66.66 4.44 37.06
N GLU B 425 66.07 3.30 36.78
CA GLU B 425 66.35 2.00 37.29
C GLU B 425 66.95 1.49 35.98
N THR B 426 66.49 2.10 34.87
CA THR B 426 66.99 1.89 33.51
C THR B 426 65.98 2.01 32.35
N GLU B 427 66.41 2.70 31.30
CA GLU B 427 65.78 2.80 30.02
C GLU B 427 66.85 2.76 28.94
N GLY B 428 67.51 3.90 28.75
CA GLY B 428 68.58 3.99 27.75
C GLY B 428 69.21 5.27 27.17
N LYS B 429 69.25 6.35 27.92
CA LYS B 429 69.96 7.55 27.50
C LYS B 429 69.33 8.83 28.03
N LEU B 430 70.12 9.62 28.74
CA LEU B 430 69.61 10.89 29.20
C LEU B 430 69.56 10.84 30.74
N ALA B 431 68.96 11.84 31.37
CA ALA B 431 68.39 11.73 32.71
C ALA B 431 69.09 12.37 33.94
N ALA B 432 69.85 13.43 33.72
CA ALA B 432 70.76 13.98 34.77
C ALA B 432 70.67 13.27 36.16
#